data_7AKB
#
_entry.id   7AKB
#
_cell.length_a   57.480
_cell.length_b   83.820
_cell.length_c   83.730
_cell.angle_alpha   90.000
_cell.angle_beta   107.810
_cell.angle_gamma   90.000
#
_symmetry.space_group_name_H-M   'P 1 21 1'
#
loop_
_entity.id
_entity.type
_entity.pdbx_description
1 polymer 'Dual specificity tyrosine-phosphorylation-regulated kinase 1A'
2 non-polymer 4-[3-[2-(6-bromanylpyridin-2-yl)oxyethyl]-2-methyl-imidazo[4,5-b]pyridin-5-yl]pyridine-2,6-diamine
3 water water
#
_entity_poly.entity_id   1
_entity_poly.type   'polypeptide(L)'
_entity_poly.pdbx_seq_one_letter_code
;MGSSHHHHHHSSGLVPRG(SEP)HMIVKNGEKWMDRYEIDSLIGKGSFGQVVKAYDRVEQEWVAIKIIKNKKAFLNQAQI
EVRLLELMNKHDTEMKYYIVHLKRHFMFRNHLCLVFEMLSYNLYDLLRNTNFRGVSLNLTRKFAQQMCTALLFLATPELS
IIHCDLKPENILLCNPKRSAIKIVDFGSSCQLGQRIYQ(PTR)IQSRFYRSPEVLLGMPYDLAIDMWSLGCILVEMHTGE
PLFSGANEVDQMNKIVEVLGIPPAHILDQAPKARKFFEKLPDGTWNLKKTKDGKREYKPPGTRKLHNILGVETGGPGGRR
AGESGHTVADYLKFKDLILRMLDYDPKTRIQPYYALQHSFFKKTADE
;
_entity_poly.pdbx_strand_id   A,B
#
loop_
_chem_comp.id
_chem_comp.type
_chem_comp.name
_chem_comp.formula
RJZ non-polymer 4-[3-[2-(6-bromanylpyridin-2-yl)oxyethyl]-2-methyl-imidazo[4,5-b]pyridin-5-yl]pyridine-2,6-diamine 'C19 H18 Br N7 O'
#
# COMPACT_ATOMS: atom_id res chain seq x y z
N PRO A 16 4.64 7.10 18.71
CA PRO A 16 3.50 6.46 18.02
C PRO A 16 3.34 6.76 16.51
N ARG A 17 4.31 7.41 15.87
CA ARG A 17 4.15 8.10 14.55
C ARG A 17 4.46 7.17 13.35
N GLY A 18 3.67 7.26 12.27
CA GLY A 18 3.79 6.44 11.05
C GLY A 18 3.25 5.02 11.26
N SEP A 19 3.07 4.27 10.18
CA SEP A 19 2.40 2.98 10.27
CB SEP A 19 1.46 2.81 9.11
OG SEP A 19 2.29 2.63 7.95
C SEP A 19 3.39 1.82 10.26
O SEP A 19 2.95 0.67 10.23
P SEP A 19 2.59 3.91 7.03
O1P SEP A 19 1.32 4.05 6.20
O2P SEP A 19 3.84 3.58 6.21
O3P SEP A 19 2.82 5.07 7.98
N HIS A 20 4.70 2.10 10.25
CA HIS A 20 5.70 1.04 10.41
C HIS A 20 6.13 0.97 11.87
N MET A 21 6.39 -0.23 12.41
CA MET A 21 6.87 -0.36 13.81
C MET A 21 8.25 0.27 13.89
N ILE A 22 8.50 1.09 14.92
CA ILE A 22 9.85 1.67 15.19
C ILE A 22 10.72 0.54 15.74
N VAL A 23 11.28 -0.27 14.86
CA VAL A 23 12.17 -1.41 15.23
C VAL A 23 13.52 -0.82 15.62
N LYS A 24 14.01 -1.09 16.83
CA LYS A 24 15.38 -0.69 17.21
C LYS A 24 16.23 -1.96 17.21
N ASN A 25 17.38 -1.89 16.55
CA ASN A 25 18.37 -2.99 16.45
C ASN A 25 18.86 -3.31 17.87
N GLY A 26 18.77 -4.58 18.29
CA GLY A 26 19.34 -5.10 19.55
C GLY A 26 18.34 -5.14 20.70
N GLU A 27 17.24 -4.39 20.60
CA GLU A 27 16.20 -4.29 21.67
C GLU A 27 15.50 -5.64 21.80
N LYS A 28 14.99 -5.92 23.01
CA LYS A 28 14.41 -7.24 23.36
C LYS A 28 12.92 -7.07 23.69
N TRP A 29 12.06 -7.87 23.07
CA TRP A 29 10.59 -7.83 23.24
C TRP A 29 10.12 -8.89 24.23
N MET A 30 9.04 -8.57 24.97
CA MET A 30 8.36 -9.47 25.94
C MET A 30 9.40 -10.31 26.67
N ASP A 31 10.61 -9.78 26.87
CA ASP A 31 11.74 -10.54 27.44
C ASP A 31 11.78 -11.94 26.81
N ARG A 32 11.85 -12.02 25.48
CA ARG A 32 11.89 -13.30 24.72
C ARG A 32 12.64 -13.15 23.40
N TYR A 33 12.19 -12.20 22.58
CA TYR A 33 12.74 -11.98 21.22
C TYR A 33 13.75 -10.84 21.28
N GLU A 34 14.99 -11.10 20.85
CA GLU A 34 16.03 -10.04 20.71
C GLU A 34 16.12 -9.69 19.23
N ILE A 35 15.62 -8.51 18.83
CA ILE A 35 15.72 -8.08 17.41
C ILE A 35 17.20 -8.04 17.01
N ASP A 36 17.58 -8.69 15.92
CA ASP A 36 18.96 -8.62 15.40
C ASP A 36 19.02 -7.55 14.32
N SER A 37 18.19 -7.66 13.29
CA SER A 37 18.21 -6.75 12.11
C SER A 37 16.91 -6.83 11.31
N LEU A 38 16.59 -5.72 10.63
CA LEU A 38 15.54 -5.64 9.58
C LEU A 38 16.04 -6.38 8.34
N ILE A 39 15.38 -7.45 7.92
CA ILE A 39 15.87 -8.26 6.78
C ILE A 39 14.98 -8.03 5.54
N GLY A 40 13.91 -7.25 5.64
CA GLY A 40 13.07 -6.90 4.47
C GLY A 40 11.87 -6.04 4.83
N LYS A 41 11.45 -5.19 3.88
CA LYS A 41 10.26 -4.31 3.97
C LYS A 41 9.23 -4.82 2.96
N GLY A 42 8.28 -3.98 2.57
CA GLY A 42 7.19 -4.30 1.63
C GLY A 42 6.00 -3.38 1.84
N SER A 43 4.82 -3.84 1.42
CA SER A 43 3.53 -3.11 1.53
C SER A 43 2.84 -3.48 2.84
N PHE A 44 3.02 -4.72 3.28
CA PHE A 44 2.39 -5.30 4.51
C PHE A 44 3.07 -4.77 5.76
N GLY A 45 4.31 -4.33 5.65
CA GLY A 45 5.11 -4.01 6.83
C GLY A 45 6.55 -4.47 6.64
N GLN A 46 7.14 -5.10 7.63
CA GLN A 46 8.57 -5.48 7.58
C GLN A 46 8.79 -6.84 8.24
N VAL A 47 9.92 -7.46 7.94
CA VAL A 47 10.33 -8.76 8.51
C VAL A 47 11.65 -8.51 9.25
N VAL A 48 11.77 -8.92 10.51
CA VAL A 48 13.06 -8.76 11.23
C VAL A 48 13.58 -10.16 11.60
N LYS A 49 14.89 -10.29 11.67
CA LYS A 49 15.58 -11.46 12.25
C LYS A 49 15.59 -11.22 13.75
N ALA A 50 15.23 -12.21 14.54
CA ALA A 50 15.23 -12.12 16.01
C ALA A 50 15.50 -13.48 16.62
N TYR A 51 16.18 -13.48 17.77
CA TYR A 51 16.50 -14.70 18.53
C TYR A 51 15.39 -14.93 19.55
N ASP A 52 14.84 -16.13 19.53
CA ASP A 52 13.76 -16.55 20.46
C ASP A 52 14.44 -17.27 21.63
N ARG A 53 14.78 -16.51 22.67
CA ARG A 53 15.58 -17.03 23.82
C ARG A 53 14.82 -18.20 24.43
N VAL A 54 13.48 -18.21 24.40
CA VAL A 54 12.66 -19.32 25.00
C VAL A 54 12.82 -20.63 24.20
N GLU A 55 12.68 -20.61 22.88
CA GLU A 55 12.83 -21.82 22.03
C GLU A 55 14.29 -21.95 21.56
N GLN A 56 15.14 -20.97 21.90
CA GLN A 56 16.58 -20.99 21.56
C GLN A 56 16.69 -21.31 20.06
N GLU A 57 16.23 -20.38 19.21
CA GLU A 57 16.29 -20.52 17.74
C GLU A 57 16.11 -19.14 17.08
N TRP A 58 16.65 -19.02 15.87
CA TRP A 58 16.52 -17.82 15.00
C TRP A 58 15.14 -17.84 14.34
N VAL A 59 14.39 -16.75 14.44
CA VAL A 59 13.01 -16.65 13.87
C VAL A 59 12.95 -15.43 12.98
N ALA A 60 12.08 -15.44 11.96
CA ALA A 60 11.78 -14.28 11.11
C ALA A 60 10.40 -13.80 11.54
N ILE A 61 10.29 -12.59 12.09
CA ILE A 61 9.01 -12.02 12.54
C ILE A 61 8.51 -11.04 11.49
N LYS A 62 7.39 -11.38 10.87
CA LYS A 62 6.67 -10.50 9.91
C LYS A 62 5.88 -9.50 10.76
N ILE A 63 6.27 -8.23 10.75
CA ILE A 63 5.59 -7.17 11.53
C ILE A 63 4.62 -6.45 10.60
N ILE A 64 3.31 -6.62 10.81
CA ILE A 64 2.27 -6.02 9.93
C ILE A 64 2.13 -4.53 10.26
N LYS A 65 2.13 -3.67 9.24
CA LYS A 65 1.81 -2.22 9.32
C LYS A 65 0.63 -2.02 10.27
N ASN A 66 0.74 -1.09 11.22
CA ASN A 66 -0.42 -0.70 12.06
C ASN A 66 -1.39 0.08 11.16
N LYS A 67 -2.12 -0.66 10.33
CA LYS A 67 -3.13 -0.14 9.38
C LYS A 67 -4.20 -1.20 9.20
N LYS A 68 -5.45 -0.82 9.43
CA LYS A 68 -6.64 -1.72 9.45
C LYS A 68 -6.62 -2.65 8.23
N ALA A 69 -6.40 -2.14 7.02
CA ALA A 69 -6.46 -2.92 5.77
C ALA A 69 -5.46 -4.08 5.84
N PHE A 70 -4.24 -3.83 6.34
CA PHE A 70 -3.11 -4.81 6.40
C PHE A 70 -3.31 -5.70 7.63
N LEU A 71 -3.98 -5.19 8.67
CA LEU A 71 -4.28 -5.97 9.89
C LEU A 71 -5.27 -7.07 9.51
N ASN A 72 -6.40 -6.72 8.92
CA ASN A 72 -7.45 -7.66 8.47
C ASN A 72 -6.85 -8.70 7.52
N GLN A 73 -6.01 -8.28 6.59
CA GLN A 73 -5.42 -9.18 5.57
C GLN A 73 -4.49 -10.19 6.25
N ALA A 74 -3.68 -9.69 7.17
CA ALA A 74 -2.78 -10.51 8.02
C ALA A 74 -3.59 -11.54 8.80
N GLN A 75 -4.77 -11.15 9.29
CA GLN A 75 -5.64 -11.99 10.15
C GLN A 75 -6.14 -13.17 9.31
N ILE A 76 -6.38 -12.95 8.02
CA ILE A 76 -6.72 -14.09 7.10
C ILE A 76 -5.44 -14.91 6.88
N GLU A 77 -4.27 -14.28 6.75
CA GLU A 77 -3.00 -15.02 6.57
C GLU A 77 -2.85 -16.01 7.73
N VAL A 78 -3.03 -15.51 8.95
CA VAL A 78 -2.89 -16.29 10.21
C VAL A 78 -3.84 -17.48 10.17
N ARG A 79 -5.12 -17.24 9.86
CA ARG A 79 -6.12 -18.34 9.84
C ARG A 79 -5.65 -19.40 8.85
N LEU A 80 -5.39 -19.03 7.60
CA LEU A 80 -4.94 -19.94 6.53
C LEU A 80 -3.64 -20.66 6.95
N LEU A 81 -2.72 -19.97 7.60
CA LEU A 81 -1.47 -20.61 8.09
C LEU A 81 -1.78 -21.59 9.24
N GLU A 82 -2.70 -21.23 10.14
CA GLU A 82 -3.07 -22.11 11.29
C GLU A 82 -3.91 -23.30 10.79
N LEU A 83 -4.64 -23.14 9.68
CA LEU A 83 -5.38 -24.22 8.98
C LEU A 83 -4.39 -25.22 8.40
N MET A 84 -3.38 -24.75 7.68
CA MET A 84 -2.43 -25.61 6.93
C MET A 84 -1.55 -26.36 7.93
N ASN A 85 -1.06 -25.64 8.95
CA ASN A 85 0.01 -26.14 9.86
C ASN A 85 -0.69 -26.94 10.99
N LYS A 86 -1.84 -27.54 10.69
CA LYS A 86 -2.56 -28.50 11.56
C LYS A 86 -2.97 -29.73 10.75
N HIS A 87 -2.53 -29.84 9.51
CA HIS A 87 -2.85 -30.98 8.61
C HIS A 87 -1.71 -32.00 8.69
N ASP A 88 -2.00 -33.24 9.09
CA ASP A 88 -1.06 -34.39 9.04
C ASP A 88 -0.87 -34.86 7.58
N THR A 89 0.13 -34.35 6.86
CA THR A 89 0.27 -34.64 5.41
C THR A 89 1.73 -34.80 4.98
N GLU A 90 2.66 -34.02 5.55
CA GLU A 90 4.11 -34.01 5.17
C GLU A 90 4.32 -33.20 3.87
N MET A 91 3.25 -32.97 3.10
CA MET A 91 3.18 -32.04 1.95
C MET A 91 3.12 -30.60 2.47
N LYS A 92 2.73 -30.44 3.74
CA LYS A 92 2.58 -29.14 4.45
C LYS A 92 3.95 -28.65 4.92
N TYR A 93 5.04 -29.32 4.57
CA TYR A 93 6.43 -28.84 4.84
C TYR A 93 6.98 -28.06 3.63
N TYR A 94 6.19 -27.84 2.58
CA TYR A 94 6.51 -26.90 1.47
C TYR A 94 5.94 -25.52 1.80
N ILE A 95 5.08 -25.44 2.83
CA ILE A 95 4.54 -24.14 3.29
C ILE A 95 5.29 -23.74 4.57
N VAL A 96 5.69 -22.48 4.66
CA VAL A 96 6.49 -21.92 5.80
C VAL A 96 5.72 -22.18 7.09
N HIS A 97 6.45 -22.44 8.16
CA HIS A 97 5.83 -22.81 9.44
C HIS A 97 5.52 -21.53 10.22
N LEU A 98 4.28 -21.38 10.65
CA LEU A 98 3.88 -20.31 11.58
C LEU A 98 4.04 -20.85 12.98
N LYS A 99 5.07 -20.37 13.70
CA LYS A 99 5.36 -20.80 15.10
C LYS A 99 4.24 -20.25 15.98
N ARG A 100 4.03 -18.94 15.93
CA ARG A 100 2.97 -18.25 16.71
C ARG A 100 2.83 -16.79 16.23
N HIS A 101 1.83 -16.11 16.73
CA HIS A 101 1.62 -14.67 16.44
C HIS A 101 1.22 -14.00 17.75
N PHE A 102 1.43 -12.70 17.82
CA PHE A 102 1.07 -11.90 19.01
C PHE A 102 0.83 -10.45 18.59
N MET A 103 0.07 -9.75 19.41
CA MET A 103 -0.08 -8.29 19.32
C MET A 103 1.06 -7.70 20.14
N PHE A 104 1.74 -6.72 19.58
CA PHE A 104 2.89 -6.05 20.25
C PHE A 104 3.04 -4.64 19.71
N ARG A 105 2.95 -3.65 20.59
CA ARG A 105 3.02 -2.21 20.26
C ARG A 105 2.05 -1.94 19.10
N ASN A 106 0.86 -2.57 19.16
CA ASN A 106 -0.32 -2.31 18.29
C ASN A 106 -0.03 -2.80 16.86
N HIS A 107 0.95 -3.67 16.71
CA HIS A 107 1.30 -4.35 15.44
C HIS A 107 1.09 -5.86 15.62
N LEU A 108 0.43 -6.50 14.67
CA LEU A 108 0.34 -7.97 14.61
C LEU A 108 1.68 -8.52 14.13
N CYS A 109 2.29 -9.43 14.89
CA CYS A 109 3.58 -10.06 14.55
C CYS A 109 3.33 -11.55 14.31
N LEU A 110 3.63 -12.03 13.11
CA LEU A 110 3.62 -13.46 12.75
C LEU A 110 5.06 -13.95 12.87
N VAL A 111 5.27 -15.02 13.65
CA VAL A 111 6.61 -15.63 13.89
C VAL A 111 6.72 -16.88 13.00
N PHE A 112 7.71 -16.88 12.12
CA PHE A 112 7.98 -17.99 11.18
C PHE A 112 9.34 -18.58 11.55
N GLU A 113 9.65 -19.75 11.00
CA GLU A 113 11.02 -20.32 10.94
C GLU A 113 11.88 -19.40 10.07
N MET A 114 13.16 -19.25 10.42
CA MET A 114 14.15 -18.57 9.55
C MET A 114 14.39 -19.43 8.32
N LEU A 115 14.33 -18.84 7.13
CA LEU A 115 14.68 -19.54 5.87
C LEU A 115 15.87 -18.84 5.22
N SER A 116 16.30 -19.32 4.06
CA SER A 116 17.42 -18.73 3.30
C SER A 116 16.84 -17.77 2.25
N TYR A 117 17.57 -17.50 1.19
CA TYR A 117 17.16 -16.48 0.19
C TYR A 117 16.19 -17.14 -0.79
N ASN A 118 15.58 -16.29 -1.61
CA ASN A 118 14.45 -16.65 -2.50
C ASN A 118 15.01 -17.08 -3.86
N LEU A 119 14.15 -17.61 -4.74
CA LEU A 119 14.58 -18.11 -6.06
C LEU A 119 15.01 -16.96 -6.96
N TYR A 120 14.60 -15.72 -6.69
CA TYR A 120 15.10 -14.54 -7.46
C TYR A 120 16.55 -14.22 -7.09
N ASP A 121 16.88 -14.25 -5.80
CA ASP A 121 18.25 -14.09 -5.30
C ASP A 121 19.10 -15.19 -5.93
N LEU A 122 18.52 -16.38 -6.08
CA LEU A 122 19.21 -17.54 -6.71
C LEU A 122 19.53 -17.17 -8.16
N LEU A 123 18.53 -16.72 -8.92
CA LEU A 123 18.71 -16.29 -10.33
C LEU A 123 19.85 -15.27 -10.36
N ARG A 124 19.81 -14.26 -9.49
CA ARG A 124 20.82 -13.16 -9.46
C ARG A 124 22.21 -13.75 -9.20
N ASN A 125 22.31 -14.82 -8.43
CA ASN A 125 23.59 -15.50 -8.10
C ASN A 125 24.23 -16.05 -9.36
N THR A 126 23.46 -16.29 -10.43
CA THR A 126 23.93 -16.96 -11.67
C THR A 126 24.06 -15.92 -12.79
N ASN A 127 24.02 -14.63 -12.45
CA ASN A 127 24.03 -13.49 -13.42
C ASN A 127 22.87 -13.64 -14.41
N PHE A 128 21.71 -14.05 -13.89
CA PHE A 128 20.42 -14.26 -14.60
C PHE A 128 20.62 -15.14 -15.85
N ARG A 129 21.37 -16.23 -15.74
CA ARG A 129 21.50 -17.19 -16.86
C ARG A 129 20.50 -18.32 -16.66
N GLY A 130 19.92 -18.42 -15.46
CA GLY A 130 18.97 -19.47 -15.09
C GLY A 130 19.71 -20.65 -14.52
N VAL A 131 18.98 -21.61 -13.95
CA VAL A 131 19.55 -22.80 -13.27
C VAL A 131 19.33 -24.02 -14.16
N SER A 132 19.99 -25.14 -13.86
CA SER A 132 19.93 -26.38 -14.67
C SER A 132 18.48 -26.87 -14.72
N LEU A 133 18.02 -27.33 -15.88
CA LEU A 133 16.72 -28.01 -16.04
C LEU A 133 16.56 -29.03 -14.91
N ASN A 134 17.69 -29.62 -14.46
CA ASN A 134 17.68 -30.68 -13.43
C ASN A 134 17.27 -30.04 -12.10
N LEU A 135 17.77 -28.83 -11.81
CA LEU A 135 17.42 -28.06 -10.60
C LEU A 135 16.02 -27.45 -10.77
N THR A 136 15.64 -27.10 -12.00
CA THR A 136 14.31 -26.55 -12.32
C THR A 136 13.28 -27.62 -11.94
N ARG A 137 13.52 -28.87 -12.35
CA ARG A 137 12.60 -30.00 -12.10
C ARG A 137 12.39 -30.12 -10.58
N LYS A 138 13.46 -30.08 -9.78
CA LYS A 138 13.40 -30.25 -8.30
C LYS A 138 12.49 -29.17 -7.72
N PHE A 139 12.61 -27.94 -8.19
CA PHE A 139 11.77 -26.80 -7.75
C PHE A 139 10.33 -27.07 -8.16
N ALA A 140 10.14 -27.56 -9.38
CA ALA A 140 8.81 -27.79 -10.01
C ALA A 140 8.03 -28.85 -9.22
N GLN A 141 8.70 -29.93 -8.83
CA GLN A 141 8.08 -31.10 -8.17
C GLN A 141 7.63 -30.63 -6.79
N GLN A 142 8.51 -29.91 -6.12
CA GLN A 142 8.27 -29.33 -4.77
C GLN A 142 7.07 -28.39 -4.83
N MET A 143 7.05 -27.47 -5.80
CA MET A 143 5.98 -26.46 -5.92
C MET A 143 4.64 -27.14 -6.27
N CYS A 144 4.64 -28.15 -7.14
CA CYS A 144 3.39 -28.84 -7.58
C CYS A 144 2.81 -29.60 -6.39
N THR A 145 3.66 -30.11 -5.51
CA THR A 145 3.25 -30.88 -4.31
C THR A 145 2.66 -29.93 -3.27
N ALA A 146 3.23 -28.73 -3.14
CA ALA A 146 2.67 -27.64 -2.29
C ALA A 146 1.29 -27.28 -2.80
N LEU A 147 1.18 -27.12 -4.12
CA LEU A 147 -0.08 -26.72 -4.80
C LEU A 147 -1.09 -27.85 -4.60
N LEU A 148 -0.62 -29.09 -4.61
CA LEU A 148 -1.48 -30.28 -4.39
C LEU A 148 -1.99 -30.21 -2.97
N PHE A 149 -1.10 -29.79 -2.06
CA PHE A 149 -1.40 -29.65 -0.62
C PHE A 149 -2.43 -28.54 -0.43
N LEU A 150 -2.34 -27.47 -1.23
CA LEU A 150 -3.22 -26.30 -1.10
C LEU A 150 -4.59 -26.60 -1.69
N ALA A 151 -4.69 -27.57 -2.61
CA ALA A 151 -5.93 -27.99 -3.32
C ALA A 151 -6.72 -28.98 -2.45
N THR A 152 -6.11 -29.47 -1.37
CA THR A 152 -6.79 -30.29 -0.32
C THR A 152 -8.17 -29.70 -0.04
N PRO A 153 -9.25 -30.49 -0.24
CA PRO A 153 -10.62 -30.03 -0.01
C PRO A 153 -10.85 -29.12 1.22
N GLU A 154 -10.35 -29.53 2.38
CA GLU A 154 -10.57 -28.85 3.68
C GLU A 154 -9.76 -27.55 3.74
N LEU A 155 -8.85 -27.37 2.79
CA LEU A 155 -7.99 -26.17 2.63
C LEU A 155 -8.52 -25.31 1.47
N SER A 156 -8.29 -25.76 0.23
CA SER A 156 -8.65 -25.06 -1.02
C SER A 156 -8.13 -23.61 -0.99
N ILE A 157 -6.85 -23.44 -0.61
CA ILE A 157 -6.19 -22.11 -0.50
C ILE A 157 -5.57 -21.74 -1.85
N ILE A 158 -5.72 -20.48 -2.25
CA ILE A 158 -5.08 -19.89 -3.44
C ILE A 158 -4.02 -18.89 -2.95
N HIS A 159 -2.74 -19.11 -3.26
CA HIS A 159 -1.64 -18.22 -2.80
C HIS A 159 -1.86 -16.81 -3.33
N CYS A 160 -2.32 -16.68 -4.56
CA CYS A 160 -2.62 -15.41 -5.28
C CYS A 160 -1.36 -14.55 -5.53
N ASP A 161 -0.17 -14.98 -5.13
CA ASP A 161 1.06 -14.16 -5.33
C ASP A 161 2.32 -15.02 -5.33
N LEU A 162 2.32 -16.07 -6.13
CA LEU A 162 3.53 -16.89 -6.37
C LEU A 162 4.47 -16.08 -7.26
N LYS A 163 5.73 -15.98 -6.85
CA LYS A 163 6.84 -15.40 -7.66
C LYS A 163 8.16 -15.83 -7.03
N PRO A 164 9.28 -15.75 -7.78
CA PRO A 164 10.59 -16.18 -7.28
C PRO A 164 10.83 -15.55 -5.90
N GLU A 165 10.38 -14.33 -5.68
CA GLU A 165 10.54 -13.59 -4.40
C GLU A 165 9.83 -14.32 -3.23
N ASN A 166 8.68 -14.96 -3.46
CA ASN A 166 7.93 -15.63 -2.37
C ASN A 166 8.26 -17.13 -2.33
N ILE A 167 9.33 -17.56 -2.97
CA ILE A 167 9.77 -18.98 -2.90
C ILE A 167 11.16 -18.98 -2.27
N LEU A 168 11.27 -19.38 -1.01
CA LEU A 168 12.53 -19.31 -0.25
C LEU A 168 13.17 -20.70 -0.15
N LEU A 169 14.50 -20.72 -0.12
CA LEU A 169 15.31 -21.91 0.17
C LEU A 169 15.31 -22.13 1.69
N CYS A 170 15.38 -23.38 2.15
CA CYS A 170 15.48 -23.73 3.59
C CYS A 170 16.91 -23.46 4.08
N ASN A 171 17.90 -24.02 3.36
CA ASN A 171 19.34 -23.75 3.51
C ASN A 171 19.89 -23.26 2.17
N PRO A 172 21.00 -22.51 2.16
CA PRO A 172 21.68 -22.17 0.91
C PRO A 172 22.29 -23.34 0.13
N LYS A 173 22.60 -24.47 0.78
CA LYS A 173 23.35 -25.60 0.16
C LYS A 173 22.33 -26.50 -0.58
N ARG A 174 21.18 -26.74 0.04
CA ARG A 174 20.12 -27.68 -0.44
C ARG A 174 19.19 -26.96 -1.43
N SER A 175 18.38 -27.73 -2.16
CA SER A 175 17.37 -27.26 -3.14
C SER A 175 15.95 -27.38 -2.56
N ALA A 176 15.79 -27.76 -1.28
CA ALA A 176 14.49 -27.78 -0.57
C ALA A 176 13.94 -26.35 -0.49
N ILE A 177 12.70 -26.13 -0.95
CA ILE A 177 12.05 -24.78 -0.97
C ILE A 177 10.80 -24.80 -0.11
N LYS A 178 10.43 -23.62 0.36
CA LYS A 178 9.14 -23.37 1.06
C LYS A 178 8.52 -22.13 0.42
N ILE A 179 7.18 -22.08 0.39
CA ILE A 179 6.43 -20.88 -0.05
C ILE A 179 6.14 -20.00 1.17
N VAL A 180 6.21 -18.68 1.01
CA VAL A 180 5.85 -17.68 2.05
C VAL A 180 4.77 -16.71 1.52
N ASP A 181 4.37 -15.75 2.36
CA ASP A 181 3.50 -14.59 1.99
C ASP A 181 2.10 -15.08 1.58
N PHE A 182 1.26 -15.38 2.57
CA PHE A 182 -0.16 -15.71 2.35
C PHE A 182 -1.02 -14.45 2.61
N GLY A 183 -0.48 -13.28 2.25
CA GLY A 183 -1.11 -11.98 2.50
C GLY A 183 -1.98 -11.51 1.34
N SER A 184 -1.94 -12.15 0.18
CA SER A 184 -2.98 -11.99 -0.87
C SER A 184 -3.81 -13.26 -0.92
N SER A 185 -3.54 -14.19 0.00
CA SER A 185 -4.07 -15.58 -0.01
C SER A 185 -5.55 -15.58 0.36
N CYS A 186 -6.33 -16.47 -0.26
CA CYS A 186 -7.76 -16.68 0.04
C CYS A 186 -8.11 -18.15 -0.20
N GLN A 187 -9.28 -18.55 0.29
CA GLN A 187 -9.85 -19.90 0.07
C GLN A 187 -10.88 -19.78 -1.07
N LEU A 188 -11.17 -20.92 -1.73
CA LEU A 188 -12.19 -21.00 -2.80
C LEU A 188 -13.52 -20.44 -2.26
N GLY A 189 -14.11 -19.45 -2.94
CA GLY A 189 -15.39 -18.81 -2.57
C GLY A 189 -15.21 -17.52 -1.79
N GLN A 190 -14.02 -17.24 -1.28
CA GLN A 190 -13.77 -16.11 -0.34
C GLN A 190 -12.94 -15.07 -1.11
N ARG A 191 -13.17 -14.89 -2.42
CA ARG A 191 -12.39 -13.98 -3.29
C ARG A 191 -12.74 -12.53 -2.93
N ILE A 192 -11.79 -11.71 -2.53
CA ILE A 192 -12.07 -10.32 -2.07
C ILE A 192 -11.36 -9.26 -2.92
N TYR A 193 -10.27 -9.54 -3.63
CA TYR A 193 -9.60 -8.59 -4.54
C TYR A 193 -9.89 -8.97 -6.00
N GLN A 194 -10.21 -7.97 -6.82
CA GLN A 194 -10.40 -8.10 -8.29
C GLN A 194 -9.02 -8.08 -8.94
N PTR A 195 -8.09 -7.35 -8.31
CA PTR A 195 -6.72 -7.20 -8.79
CA PTR A 195 -6.72 -7.21 -8.80
C PTR A 195 -5.75 -7.91 -7.85
O PTR A 195 -5.34 -7.31 -6.85
CB PTR A 195 -6.33 -5.72 -8.88
CB PTR A 195 -6.35 -5.73 -8.94
CG PTR A 195 -7.29 -4.81 -9.60
CG PTR A 195 -4.94 -5.53 -9.42
CD1 PTR A 195 -7.75 -3.65 -9.01
CD1 PTR A 195 -4.66 -5.30 -10.75
CD2 PTR A 195 -7.70 -5.08 -10.90
CD2 PTR A 195 -3.88 -5.61 -8.53
CE1 PTR A 195 -8.61 -2.77 -9.66
CE1 PTR A 195 -3.36 -5.13 -11.20
CE2 PTR A 195 -8.56 -4.24 -11.58
CE2 PTR A 195 -2.57 -5.48 -8.94
CZ PTR A 195 -9.01 -3.09 -10.95
CZ PTR A 195 -2.33 -5.20 -10.27
OH PTR A 195 -9.88 -2.24 -11.65
OH PTR A 195 -0.99 -5.14 -10.64
P PTR A 195 -10.63 -2.62 -13.02
P PTR A 195 -0.26 -3.89 -11.13
O1P PTR A 195 -12.01 -2.01 -13.01
O1P PTR A 195 -1.11 -2.82 -10.51
O2P PTR A 195 -9.86 -2.14 -14.22
O2P PTR A 195 1.13 -3.83 -10.59
O3P PTR A 195 -10.70 -4.13 -13.02
O3P PTR A 195 -0.29 -3.81 -12.66
N ILE A 196 -5.36 -9.15 -8.17
CA ILE A 196 -4.36 -9.88 -7.38
C ILE A 196 -3.30 -10.44 -8.32
N GLN A 197 -2.27 -11.04 -7.71
CA GLN A 197 -1.04 -11.60 -8.32
C GLN A 197 -0.07 -10.47 -8.64
N SER A 198 1.19 -10.82 -8.81
CA SER A 198 2.24 -9.95 -9.39
C SER A 198 2.07 -10.03 -10.90
N ARG A 199 2.19 -8.90 -11.61
CA ARG A 199 1.85 -8.77 -13.05
C ARG A 199 2.48 -9.90 -13.87
N PHE A 200 3.80 -10.06 -13.81
CA PHE A 200 4.60 -11.03 -14.60
C PHE A 200 4.04 -12.46 -14.45
N TYR A 201 3.42 -12.76 -13.31
CA TYR A 201 2.95 -14.12 -12.95
C TYR A 201 1.43 -14.12 -12.77
N ARG A 202 0.74 -13.13 -13.35
CA ARG A 202 -0.72 -12.93 -13.24
C ARG A 202 -1.37 -13.68 -14.40
N SER A 203 -2.27 -14.60 -14.03
CA SER A 203 -3.09 -15.44 -14.93
C SER A 203 -3.99 -14.56 -15.79
N PRO A 204 -4.29 -15.02 -17.04
CA PRO A 204 -5.17 -14.28 -17.95
C PRO A 204 -6.57 -14.05 -17.37
N GLU A 205 -7.10 -14.96 -16.55
CA GLU A 205 -8.48 -14.82 -16.03
C GLU A 205 -8.49 -13.57 -15.12
N VAL A 206 -7.43 -13.35 -14.34
CA VAL A 206 -7.37 -12.23 -13.37
C VAL A 206 -7.22 -10.94 -14.18
N LEU A 207 -6.38 -10.98 -15.21
CA LEU A 207 -6.15 -9.85 -16.18
C LEU A 207 -7.48 -9.48 -16.84
N LEU A 208 -8.27 -10.50 -17.18
CA LEU A 208 -9.56 -10.35 -17.89
C LEU A 208 -10.66 -10.02 -16.87
N GLY A 209 -10.34 -10.08 -15.58
CA GLY A 209 -11.16 -9.58 -14.47
C GLY A 209 -12.22 -10.59 -14.04
N MET A 210 -11.98 -11.87 -14.32
CA MET A 210 -12.96 -12.98 -14.12
C MET A 210 -12.78 -13.58 -12.73
N PRO A 211 -13.78 -14.37 -12.24
CA PRO A 211 -13.68 -15.05 -10.94
C PRO A 211 -12.64 -16.16 -11.10
N TYR A 212 -11.80 -16.35 -10.09
CA TYR A 212 -10.67 -17.29 -10.20
C TYR A 212 -10.77 -18.37 -9.14
N ASP A 213 -9.95 -19.40 -9.32
CA ASP A 213 -9.78 -20.56 -8.43
C ASP A 213 -8.29 -20.81 -8.34
N LEU A 214 -7.92 -21.96 -7.80
CA LEU A 214 -6.50 -22.37 -7.54
C LEU A 214 -5.72 -22.45 -8.85
N ALA A 215 -6.39 -22.68 -9.98
CA ALA A 215 -5.73 -22.78 -11.29
C ALA A 215 -4.85 -21.54 -11.56
N ILE A 216 -5.02 -20.42 -10.84
CA ILE A 216 -4.21 -19.19 -11.12
C ILE A 216 -2.78 -19.43 -10.62
N ASP A 217 -2.61 -20.21 -9.56
CA ASP A 217 -1.28 -20.54 -8.98
C ASP A 217 -0.53 -21.46 -9.94
N MET A 218 -1.20 -22.35 -10.66
CA MET A 218 -0.50 -23.23 -11.62
C MET A 218 0.04 -22.37 -12.78
N TRP A 219 -0.70 -21.34 -13.20
CA TRP A 219 -0.25 -20.36 -14.22
C TRP A 219 1.07 -19.70 -13.77
N SER A 220 1.06 -19.06 -12.60
CA SER A 220 2.24 -18.40 -12.01
C SER A 220 3.41 -19.37 -12.01
N LEU A 221 3.16 -20.61 -11.57
CA LEU A 221 4.21 -21.66 -11.50
C LEU A 221 4.86 -21.82 -12.87
N GLY A 222 4.07 -21.99 -13.93
CA GLY A 222 4.58 -22.16 -15.30
C GLY A 222 5.54 -21.04 -15.66
N CYS A 223 5.12 -19.80 -15.44
CA CYS A 223 5.94 -18.59 -15.72
C CYS A 223 7.23 -18.64 -14.89
N ILE A 224 7.10 -18.95 -13.61
CA ILE A 224 8.22 -18.97 -12.64
C ILE A 224 9.22 -20.03 -13.09
N LEU A 225 8.73 -21.20 -13.47
CA LEU A 225 9.61 -22.32 -13.90
C LEU A 225 10.44 -21.92 -15.13
N VAL A 226 9.83 -21.32 -16.14
CA VAL A 226 10.55 -20.93 -17.38
C VAL A 226 11.59 -19.85 -17.01
N GLU A 227 11.20 -18.90 -16.18
CA GLU A 227 12.09 -17.85 -15.66
C GLU A 227 13.27 -18.51 -14.95
N MET A 228 13.01 -19.49 -14.10
CA MET A 228 14.05 -20.15 -13.29
C MET A 228 15.18 -20.68 -14.19
N HIS A 229 14.85 -21.16 -15.39
CA HIS A 229 15.80 -21.81 -16.32
C HIS A 229 16.36 -20.80 -17.34
N THR A 230 15.62 -19.76 -17.73
CA THR A 230 16.09 -18.75 -18.71
C THR A 230 16.63 -17.53 -17.97
N GLY A 231 16.35 -17.39 -16.68
CA GLY A 231 16.76 -16.23 -15.83
C GLY A 231 16.09 -14.93 -16.26
N GLU A 232 15.10 -15.00 -17.13
CA GLU A 232 14.33 -13.86 -17.67
C GLU A 232 12.87 -14.13 -17.36
N PRO A 233 12.07 -13.12 -16.94
CA PRO A 233 10.62 -13.30 -16.85
C PRO A 233 10.03 -13.69 -18.22
N LEU A 234 9.11 -14.66 -18.23
CA LEU A 234 8.47 -15.16 -19.48
C LEU A 234 7.65 -14.00 -20.06
N PHE A 235 6.78 -13.41 -19.26
CA PHE A 235 5.92 -12.27 -19.68
C PHE A 235 6.25 -11.08 -18.79
N SER A 236 7.17 -10.22 -19.23
CA SER A 236 7.64 -9.02 -18.49
C SER A 236 6.84 -7.77 -18.90
N GLY A 237 5.58 -7.70 -18.49
CA GLY A 237 4.66 -6.61 -18.87
C GLY A 237 4.88 -5.39 -18.00
N ALA A 238 4.97 -4.22 -18.60
CA ALA A 238 5.08 -2.92 -17.90
C ALA A 238 3.73 -2.55 -17.28
N ASN A 239 2.62 -2.99 -17.89
CA ASN A 239 1.22 -2.75 -17.44
C ASN A 239 0.36 -3.93 -17.89
N GLU A 240 -0.94 -3.89 -17.59
CA GLU A 240 -1.88 -5.00 -17.89
C GLU A 240 -2.01 -5.20 -19.41
N VAL A 241 -2.02 -4.11 -20.18
CA VAL A 241 -2.18 -4.19 -21.67
C VAL A 241 -0.88 -4.80 -22.25
N ASP A 242 0.27 -4.41 -21.70
CA ASP A 242 1.59 -4.94 -22.14
C ASP A 242 1.68 -6.40 -21.70
N GLN A 243 1.25 -6.66 -20.46
CA GLN A 243 1.27 -8.02 -19.87
C GLN A 243 0.46 -8.94 -20.77
N MET A 244 -0.80 -8.61 -21.02
CA MET A 244 -1.71 -9.48 -21.80
C MET A 244 -1.15 -9.66 -23.21
N ASN A 245 -0.68 -8.58 -23.81
CA ASN A 245 -0.12 -8.61 -25.19
C ASN A 245 1.04 -9.59 -25.26
N LYS A 246 1.92 -9.56 -24.24
CA LYS A 246 3.13 -10.43 -24.18
C LYS A 246 2.68 -11.90 -24.12
N ILE A 247 1.58 -12.19 -23.41
CA ILE A 247 1.04 -13.57 -23.25
C ILE A 247 0.52 -14.05 -24.61
N VAL A 248 -0.20 -13.17 -25.31
CA VAL A 248 -0.82 -13.45 -26.64
C VAL A 248 0.31 -13.70 -27.66
N GLU A 249 1.42 -12.98 -27.52
CA GLU A 249 2.60 -13.11 -28.41
C GLU A 249 3.02 -14.57 -28.47
N VAL A 250 2.97 -15.24 -27.31
CA VAL A 250 3.45 -16.64 -27.14
C VAL A 250 2.30 -17.63 -27.33
N LEU A 251 1.15 -17.40 -26.70
CA LEU A 251 0.03 -18.37 -26.60
C LEU A 251 -1.10 -18.07 -27.58
N GLY A 252 -1.03 -16.95 -28.29
CA GLY A 252 -2.05 -16.55 -29.27
C GLY A 252 -3.32 -16.03 -28.61
N ILE A 253 -4.39 -15.87 -29.37
CA ILE A 253 -5.62 -15.17 -28.89
C ILE A 253 -6.36 -16.17 -28.00
N PRO A 254 -6.88 -15.76 -26.83
CA PRO A 254 -7.59 -16.68 -25.94
C PRO A 254 -8.88 -17.27 -26.51
N PRO A 255 -9.35 -18.43 -25.99
CA PRO A 255 -10.61 -19.00 -26.42
C PRO A 255 -11.72 -17.96 -26.32
N ALA A 256 -12.44 -17.79 -27.44
CA ALA A 256 -13.55 -16.86 -27.61
C ALA A 256 -14.58 -17.11 -26.51
N HIS A 257 -14.70 -18.37 -26.08
CA HIS A 257 -15.68 -18.75 -25.04
C HIS A 257 -15.31 -18.10 -23.71
N ILE A 258 -14.02 -17.77 -23.50
CA ILE A 258 -13.51 -17.15 -22.24
C ILE A 258 -13.74 -15.64 -22.31
N LEU A 259 -13.33 -15.00 -23.40
CA LEU A 259 -13.51 -13.52 -23.58
C LEU A 259 -15.02 -13.16 -23.62
N ASP A 260 -15.87 -14.11 -24.04
CA ASP A 260 -17.34 -13.92 -24.06
C ASP A 260 -17.86 -13.62 -22.65
N GLN A 261 -17.25 -14.21 -21.60
CA GLN A 261 -17.61 -14.00 -20.15
C GLN A 261 -16.66 -12.98 -19.53
N ALA A 262 -15.58 -12.59 -20.21
CA ALA A 262 -14.50 -11.80 -19.60
C ALA A 262 -14.97 -10.36 -19.37
N PRO A 263 -15.07 -9.88 -18.11
CA PRO A 263 -15.43 -8.49 -17.84
C PRO A 263 -14.48 -7.50 -18.54
N LYS A 264 -13.17 -7.72 -18.49
CA LYS A 264 -12.16 -6.77 -19.02
C LYS A 264 -11.70 -7.22 -20.41
N ALA A 265 -12.49 -8.04 -21.11
CA ALA A 265 -12.20 -8.55 -22.48
C ALA A 265 -11.78 -7.39 -23.38
N ARG A 266 -12.52 -6.28 -23.28
CA ARG A 266 -12.47 -5.14 -24.24
C ARG A 266 -11.35 -4.18 -23.86
N LYS A 267 -10.60 -4.48 -22.82
CA LYS A 267 -9.41 -3.68 -22.44
C LYS A 267 -8.24 -4.05 -23.35
N PHE A 268 -8.28 -5.23 -24.00
CA PHE A 268 -7.17 -5.80 -24.80
C PHE A 268 -7.64 -6.25 -26.19
N PHE A 269 -8.85 -6.77 -26.30
CA PHE A 269 -9.33 -7.40 -27.56
C PHE A 269 -10.52 -6.60 -28.13
N GLU A 270 -10.91 -6.97 -29.36
CA GLU A 270 -12.13 -6.46 -30.03
C GLU A 270 -12.89 -7.63 -30.64
N LYS A 271 -14.23 -7.66 -30.57
CA LYS A 271 -15.04 -8.65 -31.31
C LYS A 271 -15.31 -8.04 -32.68
N LEU A 272 -15.25 -8.86 -33.74
CA LEU A 272 -15.54 -8.46 -35.14
C LEU A 272 -16.98 -8.84 -35.45
N PRO A 273 -17.53 -8.48 -36.63
CA PRO A 273 -18.84 -9.00 -37.05
C PRO A 273 -18.91 -10.55 -37.06
N ASP A 274 -17.79 -11.21 -37.39
CA ASP A 274 -17.60 -12.69 -37.51
C ASP A 274 -17.92 -13.40 -36.18
N GLY A 275 -17.80 -12.71 -35.03
CA GLY A 275 -18.05 -13.25 -33.68
C GLY A 275 -16.77 -13.78 -33.01
N THR A 276 -15.63 -13.55 -33.66
CA THR A 276 -14.26 -13.93 -33.23
C THR A 276 -13.66 -12.72 -32.53
N TRP A 277 -12.63 -12.90 -31.70
CA TRP A 277 -11.91 -11.76 -31.07
C TRP A 277 -10.54 -11.61 -31.74
N ASN A 278 -9.99 -10.39 -31.71
CA ASN A 278 -8.54 -10.13 -31.96
C ASN A 278 -8.10 -8.90 -31.15
N LEU A 279 -6.86 -8.44 -31.32
CA LEU A 279 -6.28 -7.34 -30.49
C LEU A 279 -6.75 -5.98 -30.99
N LYS A 280 -6.44 -4.93 -30.23
CA LYS A 280 -6.66 -3.50 -30.62
C LYS A 280 -5.35 -2.85 -31.05
N LYS A 281 -5.39 -1.57 -31.45
CA LYS A 281 -4.18 -0.72 -31.65
C LYS A 281 -3.21 -0.92 -30.47
N TYR A 289 4.80 -5.26 -31.40
CA TYR A 289 4.49 -6.64 -30.93
C TYR A 289 4.52 -7.70 -32.05
N LYS A 290 4.93 -8.91 -31.68
CA LYS A 290 4.96 -10.09 -32.59
C LYS A 290 3.54 -10.63 -32.69
N PRO A 291 3.18 -11.26 -33.84
CA PRO A 291 1.83 -11.78 -34.05
C PRO A 291 1.40 -12.84 -33.03
N PRO A 292 0.08 -12.97 -32.73
CA PRO A 292 -0.38 -13.95 -31.74
C PRO A 292 0.21 -15.35 -31.98
N GLY A 293 0.90 -15.89 -30.99
CA GLY A 293 1.34 -17.29 -30.97
C GLY A 293 2.57 -17.53 -31.84
N THR A 294 3.20 -16.48 -32.37
CA THR A 294 4.35 -16.62 -33.31
C THR A 294 5.67 -16.57 -32.55
N ARG A 295 5.66 -16.11 -31.30
CA ARG A 295 6.83 -16.22 -30.39
C ARG A 295 6.76 -17.57 -29.66
N LYS A 296 7.19 -18.64 -30.33
CA LYS A 296 7.06 -20.01 -29.79
C LYS A 296 7.91 -20.17 -28.53
N LEU A 297 7.33 -20.72 -27.47
CA LEU A 297 8.04 -21.00 -26.20
C LEU A 297 9.27 -21.86 -26.50
N HIS A 298 9.03 -22.93 -27.26
CA HIS A 298 10.03 -23.81 -27.92
C HIS A 298 11.30 -23.02 -28.29
N ASN A 299 11.15 -21.87 -28.95
CA ASN A 299 12.30 -21.01 -29.38
C ASN A 299 12.81 -20.18 -28.21
N ILE A 300 11.94 -19.75 -27.29
CA ILE A 300 12.33 -18.97 -26.06
C ILE A 300 13.32 -19.82 -25.25
N LEU A 301 12.98 -21.11 -25.11
CA LEU A 301 13.71 -22.12 -24.32
C LEU A 301 15.00 -22.52 -25.03
N GLY A 302 15.14 -22.15 -26.32
CA GLY A 302 16.21 -22.68 -27.18
C GLY A 302 16.17 -24.19 -27.15
N VAL A 303 15.01 -24.77 -27.45
CA VAL A 303 14.80 -26.24 -27.40
C VAL A 303 15.85 -26.92 -28.27
N GLU A 304 16.12 -26.38 -29.47
CA GLU A 304 16.95 -27.07 -30.48
C GLU A 304 18.25 -26.32 -30.75
N THR A 305 18.50 -25.20 -30.07
CA THR A 305 19.68 -24.31 -30.29
C THR A 305 20.45 -24.16 -28.98
N GLY A 306 20.59 -25.26 -28.22
CA GLY A 306 21.43 -25.35 -27.01
C GLY A 306 20.94 -24.48 -25.87
N GLY A 307 19.62 -24.38 -25.67
CA GLY A 307 19.03 -23.81 -24.45
C GLY A 307 19.11 -22.30 -24.43
N PRO A 308 18.66 -21.67 -23.31
CA PRO A 308 18.56 -20.21 -23.22
C PRO A 308 19.94 -19.54 -23.41
N GLY A 309 20.05 -18.63 -24.39
CA GLY A 309 21.33 -17.98 -24.76
C GLY A 309 22.33 -18.98 -25.31
N GLY A 310 21.95 -20.26 -25.49
CA GLY A 310 22.79 -21.33 -26.03
C GLY A 310 23.83 -21.82 -25.02
N ARG A 311 23.60 -21.59 -23.73
CA ARG A 311 24.62 -21.86 -22.68
C ARG A 311 24.46 -23.29 -22.16
N ARG A 312 23.50 -24.07 -22.65
CA ARG A 312 23.25 -25.46 -22.19
C ARG A 312 23.59 -26.45 -23.32
N ALA A 313 24.25 -25.96 -24.36
CA ALA A 313 24.59 -26.73 -25.59
C ALA A 313 25.50 -27.92 -25.23
N GLY A 314 25.08 -29.14 -25.59
CA GLY A 314 25.83 -30.40 -25.37
C GLY A 314 25.70 -30.94 -23.95
N GLU A 315 25.44 -30.07 -22.97
CA GLU A 315 25.44 -30.30 -21.50
C GLU A 315 24.45 -31.40 -21.12
N SER A 316 24.71 -32.11 -20.01
CA SER A 316 23.92 -33.29 -19.55
C SER A 316 22.54 -32.83 -19.05
N GLY A 317 21.53 -33.65 -19.27
CA GLY A 317 20.15 -33.43 -18.80
C GLY A 317 19.45 -32.35 -19.61
N HIS A 318 20.06 -31.91 -20.71
CA HIS A 318 19.57 -30.80 -21.56
C HIS A 318 19.42 -31.27 -23.01
N THR A 319 19.01 -32.53 -23.21
CA THR A 319 18.71 -33.06 -24.55
C THR A 319 17.45 -32.39 -25.05
N VAL A 320 17.32 -32.25 -26.36
CA VAL A 320 16.08 -31.78 -27.05
C VAL A 320 14.86 -32.50 -26.43
N ALA A 321 15.01 -33.79 -26.14
CA ALA A 321 13.98 -34.65 -25.48
C ALA A 321 13.59 -34.04 -24.15
N ASP A 322 14.57 -33.78 -23.28
CA ASP A 322 14.38 -33.19 -21.93
C ASP A 322 13.60 -31.89 -22.08
N TYR A 323 14.03 -31.02 -22.99
CA TYR A 323 13.42 -29.68 -23.26
C TYR A 323 11.97 -29.82 -23.74
N LEU A 324 11.68 -30.86 -24.51
CA LEU A 324 10.33 -31.09 -25.07
C LEU A 324 9.35 -31.40 -23.94
N LYS A 325 9.77 -32.22 -22.97
CA LYS A 325 8.91 -32.70 -21.86
C LYS A 325 8.59 -31.53 -20.92
N PHE A 326 9.60 -30.71 -20.65
CA PHE A 326 9.47 -29.49 -19.83
C PHE A 326 8.49 -28.56 -20.55
N LYS A 327 8.74 -28.33 -21.83
CA LYS A 327 7.91 -27.41 -22.67
C LYS A 327 6.44 -27.86 -22.61
N ASP A 328 6.20 -29.17 -22.72
CA ASP A 328 4.84 -29.73 -22.78
C ASP A 328 4.12 -29.42 -21.46
N LEU A 329 4.82 -29.63 -20.35
CA LEU A 329 4.29 -29.40 -18.97
C LEU A 329 4.03 -27.92 -18.78
N ILE A 330 4.96 -27.08 -19.25
CA ILE A 330 4.85 -25.59 -19.16
C ILE A 330 3.59 -25.16 -19.93
N LEU A 331 3.34 -25.75 -21.10
CA LEU A 331 2.19 -25.36 -21.95
C LEU A 331 0.89 -25.90 -21.34
N ARG A 332 0.97 -26.92 -20.48
CA ARG A 332 -0.21 -27.47 -19.77
C ARG A 332 -0.51 -26.54 -18.60
N MET A 333 0.52 -25.88 -18.08
CA MET A 333 0.39 -24.92 -16.94
C MET A 333 -0.16 -23.59 -17.47
N LEU A 334 0.20 -23.24 -18.72
CA LEU A 334 -0.14 -21.94 -19.35
C LEU A 334 -1.38 -22.07 -20.24
N ASP A 335 -2.25 -23.02 -19.95
CA ASP A 335 -3.53 -23.18 -20.68
C ASP A 335 -4.36 -21.94 -20.33
N TYR A 336 -4.92 -21.27 -21.34
CA TYR A 336 -5.83 -20.12 -21.12
C TYR A 336 -7.04 -20.60 -20.31
N ASP A 337 -7.50 -21.84 -20.53
CA ASP A 337 -8.75 -22.32 -19.90
C ASP A 337 -8.45 -22.81 -18.48
N PRO A 338 -8.93 -22.12 -17.41
CA PRO A 338 -8.71 -22.52 -16.02
C PRO A 338 -9.25 -23.93 -15.71
N LYS A 339 -10.25 -24.36 -16.51
CA LYS A 339 -11.03 -25.60 -16.34
C LYS A 339 -10.17 -26.77 -16.82
N THR A 340 -9.58 -26.66 -18.01
CA THR A 340 -8.75 -27.75 -18.62
C THR A 340 -7.28 -27.60 -18.19
N ARG A 341 -6.89 -26.43 -17.65
CA ARG A 341 -5.50 -26.19 -17.22
C ARG A 341 -5.12 -27.28 -16.21
N ILE A 342 -3.85 -27.68 -16.21
CA ILE A 342 -3.38 -28.87 -15.46
C ILE A 342 -3.41 -28.61 -13.95
N GLN A 343 -3.70 -29.66 -13.18
CA GLN A 343 -3.79 -29.57 -11.71
C GLN A 343 -2.58 -30.27 -11.07
N PRO A 344 -2.24 -29.88 -9.84
CA PRO A 344 -1.00 -30.35 -9.22
C PRO A 344 -0.79 -31.87 -9.33
N TYR A 345 -1.85 -32.66 -9.13
CA TYR A 345 -1.80 -34.15 -9.10
C TYR A 345 -1.35 -34.66 -10.46
N TYR A 346 -1.94 -34.15 -11.53
CA TYR A 346 -1.69 -34.59 -12.93
C TYR A 346 -0.30 -34.08 -13.35
N ALA A 347 0.10 -32.90 -12.88
CA ALA A 347 1.41 -32.26 -13.19
C ALA A 347 2.53 -33.14 -12.65
N LEU A 348 2.32 -33.72 -11.47
CA LEU A 348 3.30 -34.62 -10.80
C LEU A 348 3.39 -35.95 -11.56
N GLN A 349 2.33 -36.34 -12.26
CA GLN A 349 2.24 -37.63 -13.01
C GLN A 349 2.81 -37.42 -14.42
N HIS A 350 3.18 -36.18 -14.75
CA HIS A 350 3.74 -35.79 -16.07
C HIS A 350 5.08 -36.50 -16.27
N SER A 351 5.44 -36.77 -17.52
CA SER A 351 6.69 -37.47 -17.92
C SER A 351 7.92 -36.58 -17.68
N PHE A 352 7.75 -35.34 -17.22
CA PHE A 352 8.90 -34.46 -16.92
C PHE A 352 9.51 -34.95 -15.60
N PHE A 353 8.75 -35.68 -14.78
CA PHE A 353 9.19 -36.01 -13.41
C PHE A 353 9.69 -37.45 -13.29
N LYS A 354 9.30 -38.36 -14.21
CA LYS A 354 9.57 -39.84 -14.08
C LYS A 354 11.10 -40.08 -14.04
N LYS A 355 11.56 -40.96 -13.13
CA LYS A 355 12.99 -41.22 -12.82
C LYS A 355 13.42 -42.49 -13.56
N PRO B 16 13.59 -5.01 -14.93
CA PRO B 16 13.19 -4.09 -13.82
C PRO B 16 12.32 -4.84 -12.79
N ARG B 17 12.63 -4.76 -11.49
CA ARG B 17 11.91 -5.53 -10.42
C ARG B 17 11.10 -4.61 -9.51
N GLY B 18 11.72 -3.87 -8.60
CA GLY B 18 11.00 -3.02 -7.61
C GLY B 18 9.76 -2.37 -8.24
N SEP B 19 8.64 -2.32 -7.51
CA SEP B 19 7.51 -1.51 -7.94
CB SEP B 19 6.33 -1.70 -7.02
OG SEP B 19 6.79 -1.58 -5.66
C SEP B 19 7.96 -0.04 -8.06
O SEP B 19 7.38 0.71 -8.84
P SEP B 19 6.40 -2.74 -4.60
O1P SEP B 19 4.91 -2.56 -4.33
O2P SEP B 19 7.26 -2.50 -3.36
O3P SEP B 19 6.74 -4.04 -5.31
N HIS B 20 9.03 0.32 -7.32
CA HIS B 20 9.71 1.60 -7.38
C HIS B 20 10.57 1.74 -8.65
N MET B 21 10.88 2.96 -9.06
CA MET B 21 11.91 3.23 -10.09
C MET B 21 13.25 3.31 -9.36
N ILE B 22 14.28 2.61 -9.82
CA ILE B 22 15.63 2.63 -9.18
C ILE B 22 16.28 3.95 -9.60
N VAL B 23 16.91 4.67 -8.66
CA VAL B 23 17.48 6.02 -8.94
C VAL B 23 18.87 6.10 -8.30
N LYS B 24 19.87 6.40 -9.11
CA LYS B 24 21.24 6.72 -8.66
C LYS B 24 21.38 8.25 -8.72
N ASN B 25 21.81 8.84 -7.61
CA ASN B 25 21.95 10.32 -7.45
C ASN B 25 22.95 10.81 -8.50
N GLY B 26 22.55 11.79 -9.31
CA GLY B 26 23.34 12.35 -10.43
C GLY B 26 22.85 11.87 -11.79
N GLU B 27 21.82 11.03 -11.86
CA GLU B 27 21.14 10.58 -13.12
C GLU B 27 20.58 11.80 -13.88
N LYS B 28 20.51 11.76 -15.21
CA LYS B 28 19.95 12.88 -16.04
C LYS B 28 18.89 12.31 -17.00
N TRP B 29 17.67 12.86 -17.01
CA TRP B 29 16.58 12.34 -17.87
C TRP B 29 16.22 13.39 -18.93
N MET B 30 16.19 12.98 -20.21
CA MET B 30 15.61 13.76 -21.34
C MET B 30 16.37 15.07 -21.55
N ASP B 31 17.65 15.15 -21.17
CA ASP B 31 18.45 16.40 -21.11
C ASP B 31 17.73 17.49 -20.30
N ARG B 32 16.88 17.17 -19.32
CA ARG B 32 16.05 18.21 -18.64
C ARG B 32 16.07 18.09 -17.11
N TYR B 33 16.29 16.91 -16.52
CA TYR B 33 16.18 16.73 -15.06
C TYR B 33 17.47 16.08 -14.55
N GLU B 34 18.19 16.80 -13.70
CA GLU B 34 19.43 16.32 -13.05
C GLU B 34 19.08 15.87 -11.64
N ILE B 35 19.02 14.57 -11.40
CA ILE B 35 18.50 14.01 -10.12
C ILE B 35 19.56 14.25 -9.05
N ASP B 36 19.22 15.00 -8.00
CA ASP B 36 20.18 15.33 -6.92
C ASP B 36 20.08 14.25 -5.85
N SER B 37 18.88 14.07 -5.27
CA SER B 37 18.67 13.21 -4.08
C SER B 37 17.20 12.80 -3.93
N LEU B 38 16.97 11.87 -3.01
CA LEU B 38 15.62 11.37 -2.64
C LEU B 38 15.13 12.13 -1.40
N ILE B 39 14.06 12.90 -1.50
CA ILE B 39 13.56 13.73 -0.37
C ILE B 39 12.48 13.00 0.42
N GLY B 40 11.73 12.10 -0.21
CA GLY B 40 10.55 11.48 0.42
C GLY B 40 10.24 10.13 -0.17
N LYS B 41 9.84 9.18 0.68
CA LYS B 41 9.33 7.85 0.28
C LYS B 41 7.91 7.74 0.84
N GLY B 42 7.03 7.02 0.15
CA GLY B 42 5.67 6.74 0.62
C GLY B 42 5.13 5.44 0.05
N SER B 43 3.85 5.19 0.30
CA SER B 43 3.07 4.07 -0.30
C SER B 43 3.14 4.18 -1.82
N PHE B 44 2.96 5.41 -2.32
CA PHE B 44 2.84 5.77 -3.76
C PHE B 44 4.16 5.62 -4.49
N GLY B 45 5.28 5.71 -3.80
CA GLY B 45 6.61 5.68 -4.44
C GLY B 45 7.52 6.68 -3.80
N GLN B 46 8.23 7.46 -4.62
CA GLN B 46 9.35 8.33 -4.15
C GLN B 46 9.20 9.75 -4.70
N VAL B 47 9.79 10.71 -4.00
CA VAL B 47 9.88 12.12 -4.46
C VAL B 47 11.36 12.44 -4.54
N VAL B 48 11.83 12.98 -5.67
CA VAL B 48 13.28 13.26 -5.88
C VAL B 48 13.47 14.77 -6.10
N LYS B 49 14.53 15.31 -5.52
CA LYS B 49 14.99 16.69 -5.77
C LYS B 49 15.78 16.64 -7.07
N ALA B 50 15.42 17.49 -8.03
CA ALA B 50 16.06 17.49 -9.37
C ALA B 50 16.07 18.90 -9.93
N TYR B 51 17.14 19.25 -10.65
CA TYR B 51 17.32 20.55 -11.33
C TYR B 51 16.71 20.42 -12.72
N ASP B 52 15.86 21.38 -13.08
CA ASP B 52 15.08 21.35 -14.34
C ASP B 52 15.77 22.31 -15.32
N ARG B 53 16.78 21.84 -16.04
CA ARG B 53 17.65 22.68 -16.90
C ARG B 53 16.79 23.51 -17.89
N VAL B 54 15.61 23.02 -18.29
CA VAL B 54 14.68 23.77 -19.19
C VAL B 54 14.10 24.99 -18.46
N GLU B 55 13.90 24.94 -17.13
CA GLU B 55 13.41 26.12 -16.34
C GLU B 55 14.50 26.62 -15.38
N GLN B 56 15.64 25.92 -15.33
CA GLN B 56 16.87 26.25 -14.55
C GLN B 56 16.54 26.43 -13.06
N GLU B 57 15.56 25.69 -12.54
CA GLU B 57 15.03 25.80 -11.15
C GLU B 57 15.04 24.42 -10.51
N TRP B 58 15.09 24.35 -9.17
CA TRP B 58 14.88 23.11 -8.38
C TRP B 58 13.41 22.67 -8.43
N VAL B 59 13.17 21.41 -8.80
CA VAL B 59 11.82 20.80 -8.88
C VAL B 59 11.87 19.53 -8.06
N ALA B 60 10.73 19.14 -7.52
CA ALA B 60 10.57 17.87 -6.76
C ALA B 60 9.70 16.98 -7.63
N ILE B 61 10.19 15.82 -8.05
CA ILE B 61 9.38 14.93 -8.92
C ILE B 61 8.86 13.78 -8.08
N LYS B 62 7.54 13.67 -7.97
CA LYS B 62 6.84 12.56 -7.29
C LYS B 62 6.79 11.43 -8.30
N ILE B 63 7.50 10.35 -8.05
CA ILE B 63 7.51 9.16 -8.96
C ILE B 63 6.51 8.17 -8.37
N ILE B 64 5.46 7.87 -9.14
CA ILE B 64 4.45 6.85 -8.79
C ILE B 64 5.02 5.47 -9.14
N LYS B 65 4.88 4.49 -8.25
CA LYS B 65 5.29 3.08 -8.50
C LYS B 65 4.54 2.51 -9.71
N ASN B 66 5.16 1.53 -10.37
CA ASN B 66 4.51 0.70 -11.42
C ASN B 66 3.50 -0.19 -10.71
N LYS B 67 2.38 0.38 -10.24
CA LYS B 67 1.32 -0.32 -9.49
C LYS B 67 0.00 0.35 -9.79
N LYS B 68 -0.97 -0.38 -10.34
CA LYS B 68 -2.20 0.19 -10.93
C LYS B 68 -2.93 1.01 -9.86
N ALA B 69 -3.02 0.48 -8.64
CA ALA B 69 -3.72 1.14 -7.50
C ALA B 69 -3.17 2.55 -7.30
N PHE B 70 -1.83 2.66 -7.28
CA PHE B 70 -1.08 3.90 -7.00
C PHE B 70 -1.08 4.80 -8.24
N LEU B 71 -1.12 4.20 -9.42
CA LEU B 71 -1.28 4.92 -10.70
C LEU B 71 -2.71 5.46 -10.79
N ASN B 72 -3.71 4.66 -10.43
CA ASN B 72 -5.15 5.04 -10.48
C ASN B 72 -5.38 6.30 -9.67
N GLN B 73 -4.78 6.37 -8.48
CA GLN B 73 -4.99 7.49 -7.51
C GLN B 73 -4.11 8.67 -7.93
N ALA B 74 -2.90 8.42 -8.44
CA ALA B 74 -2.05 9.45 -9.09
C ALA B 74 -2.83 10.18 -10.18
N GLN B 75 -3.58 9.45 -11.02
CA GLN B 75 -4.24 10.00 -12.21
C GLN B 75 -5.39 10.89 -11.76
N ILE B 76 -6.04 10.53 -10.64
CA ILE B 76 -7.03 11.45 -9.99
C ILE B 76 -6.27 12.71 -9.55
N GLU B 77 -5.14 12.52 -8.89
CA GLU B 77 -4.33 13.62 -8.34
C GLU B 77 -4.05 14.61 -9.45
N VAL B 78 -3.54 14.12 -10.58
CA VAL B 78 -3.19 14.94 -11.78
C VAL B 78 -4.42 15.72 -12.24
N ARG B 79 -5.54 15.01 -12.40
CA ARG B 79 -6.83 15.61 -12.81
C ARG B 79 -7.16 16.76 -11.86
N LEU B 80 -7.31 16.43 -10.57
CA LEU B 80 -7.72 17.40 -9.51
C LEU B 80 -6.72 18.56 -9.46
N LEU B 81 -5.42 18.30 -9.61
CA LEU B 81 -4.37 19.32 -9.62
C LEU B 81 -4.49 20.20 -10.89
N GLU B 82 -4.84 19.62 -12.04
CA GLU B 82 -4.98 20.41 -13.30
C GLU B 82 -6.30 21.20 -13.26
N LEU B 83 -7.33 20.64 -12.62
CA LEU B 83 -8.65 21.31 -12.44
C LEU B 83 -8.49 22.56 -11.56
N MET B 84 -7.69 22.47 -10.50
CA MET B 84 -7.43 23.57 -9.54
C MET B 84 -6.63 24.68 -10.23
N ASN B 85 -5.66 24.34 -11.06
CA ASN B 85 -4.80 25.32 -11.77
C ASN B 85 -5.58 25.98 -12.91
N LYS B 86 -6.85 25.61 -13.10
CA LYS B 86 -7.73 26.25 -14.11
C LYS B 86 -8.52 27.39 -13.45
N HIS B 87 -8.27 27.67 -12.16
CA HIS B 87 -9.03 28.73 -11.43
C HIS B 87 -8.23 30.04 -11.45
N ASP B 88 -8.88 31.13 -11.05
CA ASP B 88 -8.38 32.51 -11.26
C ASP B 88 -7.95 33.10 -9.91
N THR B 89 -8.34 32.47 -8.79
CA THR B 89 -8.20 33.05 -7.42
C THR B 89 -6.72 33.09 -7.00
N GLU B 90 -6.38 33.95 -6.03
CA GLU B 90 -5.04 34.03 -5.39
C GLU B 90 -4.88 32.86 -4.41
N MET B 91 -6.00 32.21 -4.03
CA MET B 91 -6.13 31.22 -2.93
C MET B 91 -5.67 29.85 -3.43
N LYS B 92 -5.42 29.71 -4.73
CA LYS B 92 -5.00 28.41 -5.32
C LYS B 92 -3.49 28.22 -5.15
N TYR B 93 -2.79 29.17 -4.50
CA TYR B 93 -1.31 29.09 -4.27
C TYR B 93 -1.06 28.56 -2.86
N TYR B 94 -2.13 28.29 -2.10
CA TYR B 94 -2.06 27.45 -0.87
C TYR B 94 -2.00 25.98 -1.29
N ILE B 95 -2.31 25.71 -2.56
CA ILE B 95 -2.23 24.36 -3.16
C ILE B 95 -0.98 24.31 -4.05
N VAL B 96 -0.17 23.27 -3.86
CA VAL B 96 1.13 23.07 -4.56
C VAL B 96 0.90 23.12 -6.07
N HIS B 97 1.89 23.61 -6.81
CA HIS B 97 1.77 23.70 -8.29
C HIS B 97 2.23 22.40 -8.92
N LEU B 98 1.39 21.78 -9.75
CA LEU B 98 1.81 20.67 -10.63
C LEU B 98 2.25 21.29 -11.95
N LYS B 99 3.56 21.36 -12.18
CA LYS B 99 4.18 22.10 -13.30
C LYS B 99 3.83 21.37 -14.59
N ARG B 100 4.15 20.07 -14.64
CA ARG B 100 3.76 19.18 -15.76
C ARG B 100 3.83 17.71 -15.31
N HIS B 101 3.27 16.81 -16.10
CA HIS B 101 3.30 15.36 -15.79
C HIS B 101 3.68 14.58 -17.05
N PHE B 102 4.30 13.42 -16.89
CA PHE B 102 4.72 12.56 -18.02
C PHE B 102 4.98 11.14 -17.56
N MET B 103 5.28 10.28 -18.52
CA MET B 103 5.65 8.87 -18.32
C MET B 103 7.13 8.71 -18.61
N PHE B 104 7.85 7.93 -17.81
CA PHE B 104 9.32 7.74 -17.92
C PHE B 104 9.73 6.45 -17.21
N ARG B 105 10.37 5.53 -17.94
CA ARG B 105 10.78 4.17 -17.47
C ARG B 105 9.52 3.39 -17.06
N ASN B 106 8.38 3.66 -17.70
CA ASN B 106 7.06 3.03 -17.44
C ASN B 106 6.56 3.44 -16.06
N HIS B 107 7.00 4.61 -15.58
CA HIS B 107 6.57 5.26 -14.31
C HIS B 107 5.90 6.59 -14.63
N LEU B 108 4.82 6.89 -13.91
CA LEU B 108 4.17 8.21 -13.99
C LEU B 108 4.89 9.18 -13.05
N CYS B 109 5.50 10.22 -13.58
CA CYS B 109 6.26 11.21 -12.79
C CYS B 109 5.50 12.53 -12.77
N LEU B 110 5.13 13.01 -11.58
CA LEU B 110 4.48 14.32 -11.40
C LEU B 110 5.53 15.33 -10.98
N VAL B 111 5.70 16.42 -11.75
CA VAL B 111 6.71 17.47 -11.45
C VAL B 111 6.03 18.65 -10.76
N PHE B 112 6.52 18.97 -9.56
CA PHE B 112 5.99 20.04 -8.70
C PHE B 112 7.09 21.07 -8.51
N GLU B 113 6.70 22.23 -8.01
CA GLU B 113 7.60 23.26 -7.43
C GLU B 113 8.30 22.65 -6.20
N MET B 114 9.55 23.04 -5.95
CA MET B 114 10.31 22.62 -4.76
C MET B 114 9.81 23.43 -3.55
N LEU B 115 9.35 22.74 -2.52
CA LEU B 115 8.94 23.38 -1.24
C LEU B 115 10.04 23.12 -0.20
N SER B 116 9.84 23.56 1.05
CA SER B 116 10.75 23.28 2.18
C SER B 116 10.20 22.09 2.95
N TYR B 117 10.46 21.98 4.24
CA TYR B 117 10.01 20.80 5.00
C TYR B 117 8.58 21.05 5.49
N ASN B 118 8.02 20.00 6.08
CA ASN B 118 6.59 19.93 6.47
C ASN B 118 6.45 20.38 7.92
N LEU B 119 5.21 20.56 8.35
CA LEU B 119 4.92 21.08 9.71
C LEU B 119 5.26 20.01 10.76
N TYR B 120 5.37 18.73 10.39
CA TYR B 120 5.84 17.70 11.35
C TYR B 120 7.35 17.89 11.62
N ASP B 121 8.12 18.10 10.57
CA ASP B 121 9.59 18.32 10.64
C ASP B 121 9.78 19.57 11.49
N LEU B 122 8.88 20.54 11.32
CA LEU B 122 8.93 21.80 12.09
C LEU B 122 8.70 21.50 13.56
N LEU B 123 7.64 20.78 13.90
CA LEU B 123 7.37 20.33 15.29
C LEU B 123 8.64 19.65 15.84
N ARG B 124 9.23 18.71 15.11
CA ARG B 124 10.43 17.95 15.56
C ARG B 124 11.57 18.92 15.89
N ASN B 125 11.68 20.02 15.12
CA ASN B 125 12.73 21.04 15.31
C ASN B 125 12.63 21.70 16.69
N THR B 126 11.45 21.66 17.31
CA THR B 126 11.15 22.41 18.54
C THR B 126 11.10 21.43 19.72
N ASN B 127 11.59 20.20 19.54
CA ASN B 127 11.56 19.14 20.59
C ASN B 127 10.11 18.78 20.87
N PHE B 128 9.22 18.92 19.88
CA PHE B 128 7.76 18.66 19.96
C PHE B 128 7.15 19.50 21.08
N ARG B 129 7.55 20.76 21.15
CA ARG B 129 7.10 21.74 22.17
C ARG B 129 6.00 22.59 21.55
N GLY B 130 5.88 22.53 20.23
CA GLY B 130 4.89 23.29 19.46
C GLY B 130 5.47 24.62 19.04
N VAL B 131 4.76 25.36 18.19
CA VAL B 131 5.21 26.70 17.72
C VAL B 131 4.30 27.76 18.33
N SER B 132 4.70 29.02 18.22
CA SER B 132 3.95 30.17 18.78
C SER B 132 2.54 30.19 18.21
N LEU B 133 1.55 30.47 19.05
CA LEU B 133 0.16 30.71 18.63
C LEU B 133 0.19 31.68 17.46
N ASN B 134 1.18 32.57 17.41
CA ASN B 134 1.35 33.59 16.35
C ASN B 134 1.60 32.88 15.03
N LEU B 135 2.46 31.86 15.05
CA LEU B 135 2.79 31.04 13.85
C LEU B 135 1.61 30.11 13.56
N THR B 136 0.95 29.61 14.59
CA THR B 136 -0.22 28.70 14.46
C THR B 136 -1.30 29.46 13.68
N ARG B 137 -1.57 30.70 14.07
CA ARG B 137 -2.59 31.56 13.43
C ARG B 137 -2.29 31.69 11.93
N LYS B 138 -1.03 31.99 11.58
CA LYS B 138 -0.61 32.21 10.18
C LYS B 138 -0.89 30.93 9.39
N PHE B 139 -0.63 29.76 9.98
CA PHE B 139 -0.87 28.46 9.33
C PHE B 139 -2.37 28.27 9.17
N ALA B 140 -3.14 28.64 10.19
CA ALA B 140 -4.61 28.48 10.25
C ALA B 140 -5.28 29.28 9.13
N GLN B 141 -4.83 30.53 8.91
CA GLN B 141 -5.43 31.48 7.92
C GLN B 141 -5.19 30.89 6.54
N GLN B 142 -3.95 30.47 6.30
CA GLN B 142 -3.49 29.83 5.04
C GLN B 142 -4.30 28.56 4.77
N MET B 143 -4.43 27.70 5.76
CA MET B 143 -5.12 26.39 5.61
C MET B 143 -6.62 26.61 5.36
N CYS B 144 -7.25 27.56 6.06
CA CYS B 144 -8.72 27.80 5.95
C CYS B 144 -9.01 28.36 4.56
N THR B 145 -8.07 29.09 3.97
CA THR B 145 -8.21 29.72 2.63
C THR B 145 -8.12 28.61 1.58
N ALA B 146 -7.21 27.65 1.79
CA ALA B 146 -7.07 26.47 0.90
C ALA B 146 -8.37 25.67 0.97
N LEU B 147 -8.90 25.47 2.18
CA LEU B 147 -10.14 24.71 2.42
C LEU B 147 -11.31 25.45 1.76
N LEU B 148 -11.28 26.77 1.82
CA LEU B 148 -12.31 27.64 1.19
C LEU B 148 -12.23 27.41 -0.32
N PHE B 149 -10.99 27.30 -0.82
CA PHE B 149 -10.68 27.09 -2.25
C PHE B 149 -11.17 25.70 -2.67
N LEU B 150 -11.06 24.72 -1.77
CA LEU B 150 -11.44 23.32 -2.08
C LEU B 150 -12.96 23.16 -2.03
N ALA B 151 -13.66 24.04 -1.32
CA ALA B 151 -15.13 24.00 -1.16
C ALA B 151 -15.82 24.67 -2.35
N THR B 152 -15.06 25.39 -3.18
CA THR B 152 -15.53 26.00 -4.45
C THR B 152 -16.40 25.00 -5.20
N PRO B 153 -17.68 25.35 -5.48
CA PRO B 153 -18.60 24.49 -6.19
C PRO B 153 -18.02 23.60 -7.30
N GLU B 154 -17.26 24.20 -8.22
CA GLU B 154 -16.79 23.53 -9.45
C GLU B 154 -15.56 22.70 -9.13
N LEU B 155 -15.05 22.80 -7.90
CA LEU B 155 -13.96 21.92 -7.36
C LEU B 155 -14.56 20.86 -6.43
N SER B 156 -15.03 21.29 -5.25
CA SER B 156 -15.72 20.44 -4.25
C SER B 156 -14.82 19.24 -3.89
N ILE B 157 -13.52 19.50 -3.67
CA ILE B 157 -12.51 18.46 -3.39
C ILE B 157 -12.42 18.26 -1.88
N ILE B 158 -12.46 17.00 -1.45
CA ILE B 158 -12.11 16.62 -0.05
C ILE B 158 -10.73 15.99 -0.10
N HIS B 159 -9.73 16.63 0.50
CA HIS B 159 -8.30 16.23 0.45
C HIS B 159 -8.19 14.79 0.98
N CYS B 160 -8.96 14.49 2.04
CA CYS B 160 -9.08 13.15 2.68
C CYS B 160 -7.78 12.73 3.38
N ASP B 161 -6.73 13.58 3.44
CA ASP B 161 -5.46 13.18 4.10
C ASP B 161 -4.68 14.42 4.56
N LEU B 162 -5.31 15.34 5.25
CA LEU B 162 -4.59 16.49 5.87
C LEU B 162 -3.84 15.99 7.10
N LYS B 163 -2.55 16.31 7.20
CA LYS B 163 -1.68 16.02 8.37
C LYS B 163 -0.41 16.87 8.26
N PRO B 164 0.32 17.11 9.38
CA PRO B 164 1.50 17.96 9.40
C PRO B 164 2.42 17.57 8.24
N GLU B 165 2.49 16.28 7.93
CA GLU B 165 3.34 15.74 6.83
C GLU B 165 2.92 16.29 5.46
N ASN B 166 1.62 16.50 5.21
CA ASN B 166 1.13 16.96 3.88
C ASN B 166 0.92 18.48 3.87
N ILE B 167 1.47 19.18 4.85
CA ILE B 167 1.44 20.65 4.90
C ILE B 167 2.89 21.10 4.87
N LEU B 168 3.35 21.65 3.75
CA LEU B 168 4.80 21.98 3.56
C LEU B 168 5.00 23.48 3.56
N LEU B 169 6.14 23.89 4.13
CA LEU B 169 6.65 25.29 4.08
C LEU B 169 7.14 25.58 2.67
N CYS B 170 7.05 26.83 2.20
CA CYS B 170 7.59 27.21 0.87
C CYS B 170 9.11 27.41 0.99
N ASN B 171 9.53 28.25 1.95
CA ASN B 171 10.94 28.49 2.35
C ASN B 171 11.04 28.27 3.85
N PRO B 172 12.23 27.88 4.37
CA PRO B 172 12.35 27.41 5.75
C PRO B 172 12.24 28.46 6.86
N LYS B 173 12.45 29.75 6.54
CA LYS B 173 12.39 30.84 7.54
C LYS B 173 11.06 31.62 7.38
N ARG B 174 10.34 31.46 6.26
CA ARG B 174 9.04 32.13 5.97
C ARG B 174 7.88 31.35 6.60
N SER B 175 6.69 31.96 6.65
CA SER B 175 5.48 31.39 7.28
C SER B 175 4.52 30.82 6.22
N ALA B 176 4.79 31.04 4.94
CA ALA B 176 3.93 30.58 3.82
C ALA B 176 3.95 29.05 3.78
N ILE B 177 2.78 28.40 3.75
CA ILE B 177 2.63 26.92 3.60
C ILE B 177 1.86 26.62 2.30
N LYS B 178 2.04 25.40 1.79
CA LYS B 178 1.19 24.83 0.71
C LYS B 178 0.75 23.43 1.11
N ILE B 179 -0.40 22.99 0.62
CA ILE B 179 -0.91 21.62 0.82
C ILE B 179 -0.51 20.76 -0.37
N VAL B 180 -0.13 19.49 -0.10
CA VAL B 180 0.26 18.49 -1.12
C VAL B 180 -0.57 17.20 -0.92
N ASP B 181 -0.29 16.19 -1.73
CA ASP B 181 -0.83 14.80 -1.65
C ASP B 181 -2.34 14.81 -1.88
N PHE B 182 -2.75 14.92 -3.14
CA PHE B 182 -4.17 14.76 -3.55
C PHE B 182 -4.37 13.34 -4.12
N GLY B 183 -3.70 12.35 -3.49
CA GLY B 183 -3.76 10.94 -3.90
C GLY B 183 -4.90 10.18 -3.24
N SER B 184 -5.39 10.66 -2.10
CA SER B 184 -6.50 9.97 -1.37
C SER B 184 -7.75 10.84 -1.52
N SER B 185 -7.65 11.92 -2.30
CA SER B 185 -8.70 12.94 -2.47
C SER B 185 -9.84 12.38 -3.33
N CYS B 186 -11.03 12.97 -3.21
CA CYS B 186 -12.22 12.68 -4.05
C CYS B 186 -13.11 13.92 -4.10
N GLN B 187 -14.16 13.90 -4.93
CA GLN B 187 -15.13 15.03 -5.04
C GLN B 187 -16.39 14.70 -4.22
N LEU B 188 -17.11 15.73 -3.78
CA LEU B 188 -18.27 15.64 -2.87
C LEU B 188 -19.25 14.60 -3.37
N GLY B 189 -19.59 13.61 -2.53
CA GLY B 189 -20.60 12.57 -2.80
C GLY B 189 -19.96 11.28 -3.30
N GLN B 190 -18.67 11.30 -3.66
CA GLN B 190 -17.91 10.09 -4.02
C GLN B 190 -17.56 9.27 -2.76
N ARG B 191 -17.40 7.96 -2.93
CA ARG B 191 -16.73 7.03 -1.98
C ARG B 191 -15.84 6.09 -2.81
N ILE B 192 -14.52 6.10 -2.61
CA ILE B 192 -13.60 5.28 -3.43
C ILE B 192 -12.95 4.21 -2.53
N TYR B 193 -12.39 4.62 -1.40
CA TYR B 193 -11.44 3.80 -0.61
C TYR B 193 -12.10 3.39 0.71
N GLN B 194 -11.71 2.23 1.24
CA GLN B 194 -12.18 1.66 2.52
C GLN B 194 -11.95 2.66 3.65
N PTR B 195 -10.67 2.85 3.98
CA PTR B 195 -10.26 3.66 5.11
C PTR B 195 -9.63 4.92 4.54
O PTR B 195 -8.67 4.85 3.78
CB PTR B 195 -9.31 2.84 6.01
CG PTR B 195 -9.94 1.58 6.55
CD1 PTR B 195 -10.91 1.62 7.54
CD2 PTR B 195 -9.61 0.33 6.02
CE1 PTR B 195 -11.52 0.47 8.02
CE2 PTR B 195 -10.20 -0.83 6.49
CZ PTR B 195 -11.16 -0.75 7.49
OH PTR B 195 -11.71 -1.97 7.96
P PTR B 195 -13.18 -2.18 8.58
O1P PTR B 195 -14.12 -1.73 7.48
O2P PTR B 195 -13.41 -3.63 8.92
O3P PTR B 195 -13.35 -1.32 9.82
N ILE B 196 -10.25 6.08 4.84
CA ILE B 196 -9.71 7.36 4.44
C ILE B 196 -9.36 8.19 5.68
N GLN B 197 -8.50 9.20 5.45
CA GLN B 197 -7.86 10.09 6.44
C GLN B 197 -6.73 9.33 7.15
N SER B 198 -5.84 10.04 7.83
CA SER B 198 -4.89 9.45 8.80
C SER B 198 -5.65 9.27 10.10
N ARG B 199 -5.37 8.20 10.84
CA ARG B 199 -6.11 7.80 12.08
C ARG B 199 -6.37 8.99 13.02
N PHE B 200 -5.29 9.64 13.48
CA PHE B 200 -5.28 10.75 14.45
C PHE B 200 -6.14 11.91 13.93
N TYR B 201 -6.09 12.15 12.62
CA TYR B 201 -6.71 13.32 11.95
C TYR B 201 -8.03 12.92 11.28
N ARG B 202 -8.60 11.78 11.68
CA ARG B 202 -9.82 11.18 11.05
C ARG B 202 -11.04 11.67 11.81
N SER B 203 -11.94 12.32 11.10
CA SER B 203 -13.22 12.86 11.60
C SER B 203 -14.13 11.74 12.07
N PRO B 204 -14.97 11.98 13.10
CA PRO B 204 -15.82 10.95 13.68
C PRO B 204 -16.85 10.36 12.68
N GLU B 205 -17.30 11.15 11.71
CA GLU B 205 -18.30 10.65 10.73
C GLU B 205 -17.65 9.47 9.96
N VAL B 206 -16.37 9.62 9.59
CA VAL B 206 -15.63 8.62 8.77
C VAL B 206 -15.40 7.38 9.64
N LEU B 207 -15.06 7.59 10.91
CA LEU B 207 -14.90 6.52 11.94
C LEU B 207 -16.22 5.76 12.09
N LEU B 208 -17.34 6.49 12.03
CA LEU B 208 -18.68 5.94 12.31
C LEU B 208 -19.26 5.32 11.05
N GLY B 209 -18.62 5.56 9.90
CA GLY B 209 -19.03 5.00 8.60
C GLY B 209 -20.01 5.90 7.83
N MET B 210 -20.30 7.08 8.35
CA MET B 210 -21.34 8.00 7.84
C MET B 210 -20.89 8.63 6.55
N PRO B 211 -21.79 9.26 5.77
CA PRO B 211 -21.40 9.98 4.56
C PRO B 211 -20.54 11.22 4.88
N TYR B 212 -19.34 11.23 4.33
CA TYR B 212 -18.39 12.33 4.55
C TYR B 212 -18.54 13.34 3.41
N ASP B 213 -18.39 14.62 3.75
CA ASP B 213 -18.30 15.77 2.84
C ASP B 213 -17.06 16.54 3.24
N LEU B 214 -17.00 17.84 2.94
CA LEU B 214 -15.79 18.68 3.03
C LEU B 214 -15.52 18.98 4.49
N ALA B 215 -16.46 18.65 5.36
CA ALA B 215 -16.41 18.86 6.82
C ALA B 215 -15.19 18.13 7.41
N ILE B 216 -14.84 16.98 6.83
CA ILE B 216 -13.82 16.06 7.41
C ILE B 216 -12.44 16.73 7.35
N ASP B 217 -12.18 17.57 6.34
CA ASP B 217 -10.92 18.34 6.21
C ASP B 217 -10.89 19.39 7.34
N MET B 218 -12.02 19.99 7.70
CA MET B 218 -12.08 20.98 8.80
C MET B 218 -11.73 20.30 10.14
N TRP B 219 -12.20 19.08 10.35
CA TRP B 219 -11.85 18.25 11.53
C TRP B 219 -10.34 18.08 11.65
N SER B 220 -9.71 17.53 10.61
CA SER B 220 -8.25 17.34 10.51
C SER B 220 -7.54 18.66 10.83
N LEU B 221 -7.99 19.77 10.26
CA LEU B 221 -7.37 21.10 10.49
C LEU B 221 -7.34 21.39 12.00
N GLY B 222 -8.48 21.25 12.68
CA GLY B 222 -8.58 21.50 14.12
C GLY B 222 -7.53 20.71 14.87
N CYS B 223 -7.46 19.41 14.61
CA CYS B 223 -6.47 18.47 15.21
C CYS B 223 -5.05 18.97 14.93
N ILE B 224 -4.77 19.31 13.67
CA ILE B 224 -3.42 19.71 13.20
C ILE B 224 -3.02 20.96 13.92
N LEU B 225 -3.94 21.92 14.03
CA LEU B 225 -3.63 23.25 14.61
C LEU B 225 -3.28 23.08 16.09
N VAL B 226 -4.01 22.23 16.83
CA VAL B 226 -3.74 22.06 18.28
C VAL B 226 -2.43 21.31 18.47
N GLU B 227 -2.17 20.31 17.63
CA GLU B 227 -0.87 19.61 17.59
C GLU B 227 0.26 20.63 17.35
N MET B 228 0.08 21.51 16.36
CA MET B 228 1.11 22.49 15.95
C MET B 228 1.58 23.32 17.15
N HIS B 229 0.69 23.63 18.09
CA HIS B 229 0.99 24.54 19.23
C HIS B 229 1.36 23.74 20.49
N THR B 230 0.82 22.53 20.67
CA THR B 230 1.10 21.67 21.84
C THR B 230 2.28 20.73 21.54
N GLY B 231 2.57 20.48 20.26
CA GLY B 231 3.72 19.68 19.81
C GLY B 231 3.41 18.19 19.77
N GLU B 232 2.28 17.75 20.35
CA GLU B 232 1.85 16.33 20.37
C GLU B 232 0.46 16.23 19.76
N PRO B 233 0.13 15.12 19.06
CA PRO B 233 -1.20 14.95 18.47
C PRO B 233 -2.31 15.03 19.53
N LEU B 234 -3.40 15.69 19.17
CA LEU B 234 -4.59 15.90 20.03
C LEU B 234 -5.20 14.52 20.33
N PHE B 235 -5.48 13.72 19.32
CA PHE B 235 -6.09 12.37 19.46
C PHE B 235 -5.13 11.33 18.86
N SER B 236 -4.26 10.76 19.67
CA SER B 236 -3.17 9.83 19.23
C SER B 236 -3.62 8.36 19.34
N GLY B 237 -4.53 7.93 18.47
CA GLY B 237 -5.14 6.59 18.55
C GLY B 237 -4.24 5.51 17.95
N ALA B 238 -4.02 4.41 18.64
CA ALA B 238 -3.24 3.26 18.11
C ALA B 238 -4.13 2.46 17.13
N ASN B 239 -5.44 2.47 17.34
CA ASN B 239 -6.48 1.83 16.49
C ASN B 239 -7.74 2.68 16.54
N GLU B 240 -8.76 2.29 15.78
CA GLU B 240 -9.96 3.14 15.53
C GLU B 240 -10.75 3.33 16.83
N VAL B 241 -10.86 2.27 17.64
CA VAL B 241 -11.61 2.30 18.93
C VAL B 241 -10.84 3.17 19.93
N ASP B 242 -9.50 3.15 19.89
CA ASP B 242 -8.65 4.04 20.71
C ASP B 242 -8.88 5.48 20.24
N GLN B 243 -8.82 5.71 18.92
CA GLN B 243 -8.96 7.06 18.32
C GLN B 243 -10.31 7.63 18.75
N MET B 244 -11.41 6.90 18.54
CA MET B 244 -12.77 7.40 18.90
C MET B 244 -12.82 7.66 20.41
N ASN B 245 -12.27 6.76 21.21
CA ASN B 245 -12.28 6.88 22.69
C ASN B 245 -11.55 8.15 23.12
N LYS B 246 -10.44 8.46 22.47
CA LYS B 246 -9.60 9.64 22.82
C LYS B 246 -10.35 10.91 22.42
N ILE B 247 -11.17 10.85 21.37
CA ILE B 247 -12.00 12.00 20.92
C ILE B 247 -13.07 12.24 21.98
N VAL B 248 -13.69 11.17 22.47
CA VAL B 248 -14.79 11.18 23.49
C VAL B 248 -14.21 11.75 24.79
N GLU B 249 -12.95 11.44 25.08
CA GLU B 249 -12.27 11.88 26.30
C GLU B 249 -12.36 13.41 26.37
N VAL B 250 -12.16 14.06 25.23
CA VAL B 250 -12.10 15.54 25.09
C VAL B 250 -13.50 16.11 24.82
N LEU B 251 -14.24 15.56 23.86
CA LEU B 251 -15.48 16.17 23.30
C LEU B 251 -16.72 15.48 23.85
N GLY B 252 -16.56 14.40 24.62
CA GLY B 252 -17.69 13.68 25.25
C GLY B 252 -18.44 12.83 24.24
N ILE B 253 -19.59 12.33 24.64
CA ILE B 253 -20.34 11.31 23.86
C ILE B 253 -20.98 12.04 22.70
N PRO B 254 -20.91 11.53 21.46
CA PRO B 254 -21.47 12.26 20.32
C PRO B 254 -22.99 12.43 20.33
N PRO B 255 -23.56 13.41 19.59
CA PRO B 255 -25.00 13.62 19.57
C PRO B 255 -25.73 12.32 19.22
N ALA B 256 -26.70 11.94 20.04
CA ALA B 256 -27.51 10.71 19.86
C ALA B 256 -28.14 10.68 18.46
N HIS B 257 -28.45 11.84 17.85
CA HIS B 257 -29.02 11.88 16.48
C HIS B 257 -27.96 11.47 15.45
N ILE B 258 -26.67 11.57 15.79
CA ILE B 258 -25.54 11.15 14.92
C ILE B 258 -25.37 9.62 15.03
N LEU B 259 -25.27 9.12 16.24
CA LEU B 259 -25.14 7.67 16.50
C LEU B 259 -26.41 6.91 16.06
N ASP B 260 -27.56 7.58 16.00
CA ASP B 260 -28.83 6.97 15.48
C ASP B 260 -28.66 6.56 14.01
N GLN B 261 -27.91 7.35 13.22
CA GLN B 261 -27.74 7.19 11.76
C GLN B 261 -26.38 6.55 11.44
N ALA B 262 -25.54 6.28 12.43
CA ALA B 262 -24.14 5.85 12.24
C ALA B 262 -24.09 4.35 11.97
N PRO B 263 -23.60 3.89 10.79
CA PRO B 263 -23.44 2.46 10.52
C PRO B 263 -22.54 1.75 11.54
N LYS B 264 -21.39 2.33 11.90
CA LYS B 264 -20.42 1.73 12.86
C LYS B 264 -20.65 2.21 14.29
N ALA B 265 -21.84 2.74 14.62
CA ALA B 265 -22.17 3.33 15.95
C ALA B 265 -21.77 2.36 17.05
N ARG B 266 -22.08 1.07 16.84
CA ARG B 266 -22.03 0.00 17.86
C ARG B 266 -20.61 -0.57 18.00
N LYS B 267 -19.65 -0.03 17.25
CA LYS B 267 -18.23 -0.43 17.34
C LYS B 267 -17.62 0.19 18.62
N PHE B 268 -18.18 1.32 19.11
CA PHE B 268 -17.65 2.07 20.28
C PHE B 268 -18.74 2.46 21.27
N PHE B 269 -19.98 2.64 20.83
CA PHE B 269 -21.07 3.14 21.72
C PHE B 269 -22.13 2.05 21.94
N GLU B 270 -22.87 2.18 23.03
CA GLU B 270 -23.93 1.23 23.49
C GLU B 270 -25.16 2.05 23.92
N LYS B 271 -26.12 2.21 23.01
CA LYS B 271 -27.47 2.78 23.32
C LYS B 271 -28.07 2.10 24.53
N LEU B 272 -28.29 2.86 25.61
CA LEU B 272 -28.74 2.34 26.93
C LEU B 272 -30.26 2.20 26.88
N PRO B 273 -30.91 1.52 27.87
CA PRO B 273 -32.36 1.34 27.89
C PRO B 273 -33.16 2.64 27.73
N ASP B 274 -32.67 3.74 28.33
CA ASP B 274 -33.32 5.08 28.34
C ASP B 274 -33.29 5.67 26.92
N GLY B 275 -32.42 5.18 26.04
CA GLY B 275 -32.28 5.68 24.64
C GLY B 275 -31.09 6.64 24.51
N THR B 276 -30.33 6.81 25.59
CA THR B 276 -29.09 7.63 25.64
C THR B 276 -27.86 6.75 25.34
N TRP B 277 -26.97 7.26 24.51
CA TRP B 277 -25.81 6.49 24.01
C TRP B 277 -24.68 6.55 25.02
N ASN B 278 -24.13 5.40 25.37
CA ASN B 278 -22.97 5.30 26.30
C ASN B 278 -21.72 4.89 25.49
N LEU B 279 -20.61 4.71 26.20
CA LEU B 279 -19.33 4.25 25.62
C LEU B 279 -19.25 2.76 25.92
N LYS B 280 -18.94 1.93 24.92
CA LYS B 280 -18.82 0.47 25.08
C LYS B 280 -17.60 0.21 25.97
N LYS B 281 -17.70 -0.75 26.91
CA LYS B 281 -16.52 -1.29 27.64
C LYS B 281 -15.61 -1.93 26.57
N THR B 282 -14.31 -1.64 26.57
CA THR B 282 -13.33 -2.24 25.64
C THR B 282 -13.12 -3.73 25.98
N GLU B 288 -8.83 2.76 31.66
CA GLU B 288 -7.79 3.15 30.66
C GLU B 288 -8.14 4.54 30.07
N TYR B 289 -9.36 5.04 30.26
CA TYR B 289 -9.85 6.31 29.62
C TYR B 289 -10.51 7.24 30.64
N LYS B 290 -10.33 8.55 30.43
CA LYS B 290 -10.94 9.61 31.26
C LYS B 290 -12.41 9.72 30.86
N PRO B 291 -13.30 10.10 31.80
CA PRO B 291 -14.74 10.15 31.51
C PRO B 291 -15.08 11.10 30.36
N PRO B 292 -16.16 10.85 29.59
CA PRO B 292 -16.43 11.63 28.39
C PRO B 292 -16.36 13.14 28.68
N GLY B 293 -15.53 13.85 27.92
CA GLY B 293 -15.48 15.31 27.91
C GLY B 293 -14.81 15.88 29.14
N THR B 294 -14.07 15.08 29.90
CA THR B 294 -13.42 15.56 31.15
C THR B 294 -12.00 16.02 30.86
N ARG B 295 -11.46 15.68 29.69
CA ARG B 295 -10.12 16.14 29.25
C ARG B 295 -10.33 17.43 28.46
N LYS B 296 -10.47 18.53 29.18
CA LYS B 296 -10.88 19.83 28.59
C LYS B 296 -9.77 20.37 27.68
N LEU B 297 -10.16 20.73 26.46
CA LEU B 297 -9.29 21.46 25.52
C LEU B 297 -8.79 22.74 26.21
N HIS B 298 -9.52 23.20 27.21
CA HIS B 298 -9.14 24.36 28.06
C HIS B 298 -7.77 24.09 28.69
N ASN B 299 -7.62 22.94 29.34
CA ASN B 299 -6.37 22.55 30.04
C ASN B 299 -5.33 22.06 29.03
N ILE B 300 -5.72 21.38 27.93
CA ILE B 300 -4.76 20.82 26.94
C ILE B 300 -3.96 21.98 26.35
N LEU B 301 -4.67 23.05 25.97
CA LEU B 301 -4.03 24.24 25.36
C LEU B 301 -3.41 25.12 26.45
N GLY B 302 -3.72 24.84 27.71
CA GLY B 302 -3.28 25.65 28.86
C GLY B 302 -3.65 27.09 28.64
N VAL B 303 -4.93 27.35 28.40
CA VAL B 303 -5.49 28.71 28.26
C VAL B 303 -5.05 29.56 29.47
N GLU B 304 -5.14 29.00 30.68
CA GLU B 304 -4.92 29.79 31.92
C GLU B 304 -3.61 29.42 32.62
N THR B 305 -2.96 28.34 32.20
CA THR B 305 -1.77 27.79 32.88
C THR B 305 -0.51 28.09 32.04
N GLY B 306 -0.51 29.18 31.27
CA GLY B 306 0.63 29.61 30.44
C GLY B 306 0.93 28.65 29.29
N GLY B 307 -0.11 28.22 28.58
CA GLY B 307 0.07 27.41 27.36
C GLY B 307 0.43 25.96 27.69
N PRO B 308 0.66 25.11 26.67
CA PRO B 308 0.93 23.69 26.88
C PRO B 308 2.21 23.45 27.70
N GLY B 309 2.08 22.71 28.81
CA GLY B 309 3.15 22.52 29.81
C GLY B 309 3.61 23.84 30.42
N GLY B 310 2.80 24.91 30.28
CA GLY B 310 3.06 26.23 30.85
C GLY B 310 4.31 26.87 30.30
N ARG B 311 4.74 26.46 29.10
CA ARG B 311 6.04 26.86 28.49
C ARG B 311 5.96 28.27 27.86
N ARG B 312 4.75 28.79 27.68
CA ARG B 312 4.48 30.10 27.04
C ARG B 312 4.08 31.12 28.12
N ALA B 313 4.23 30.75 29.41
CA ALA B 313 3.83 31.56 30.58
C ALA B 313 4.48 32.95 30.51
N GLY B 314 3.66 34.01 30.56
CA GLY B 314 4.09 35.42 30.44
C GLY B 314 4.37 35.88 29.01
N GLU B 315 4.85 34.97 28.14
CA GLU B 315 5.47 35.24 26.79
C GLU B 315 4.48 35.98 25.87
N SER B 316 4.98 36.83 24.96
CA SER B 316 4.11 37.80 24.22
C SER B 316 3.34 37.07 23.11
N GLY B 317 2.12 37.53 22.86
CA GLY B 317 1.20 36.96 21.85
C GLY B 317 0.58 35.66 22.34
N HIS B 318 0.68 35.37 23.64
CA HIS B 318 0.14 34.14 24.26
C HIS B 318 -0.77 34.46 25.42
N THR B 319 -1.58 35.51 25.31
CA THR B 319 -2.46 35.94 26.43
C THR B 319 -3.71 35.09 26.40
N VAL B 320 -4.40 35.08 27.53
CA VAL B 320 -5.63 34.26 27.78
C VAL B 320 -6.62 34.57 26.66
N ALA B 321 -6.78 35.85 26.30
CA ALA B 321 -7.71 36.34 25.26
C ALA B 321 -7.35 35.66 23.94
N ASP B 322 -6.07 35.73 23.56
CA ASP B 322 -5.53 35.11 22.33
C ASP B 322 -5.92 33.64 22.28
N TYR B 323 -5.64 32.93 23.37
CA TYR B 323 -5.86 31.46 23.52
C TYR B 323 -7.35 31.13 23.46
N LEU B 324 -8.19 31.98 24.03
CA LEU B 324 -9.64 31.69 24.20
C LEU B 324 -10.29 31.71 22.83
N LYS B 325 -9.87 32.65 21.97
CA LYS B 325 -10.29 32.76 20.55
C LYS B 325 -9.80 31.53 19.79
N PHE B 326 -8.59 31.08 20.08
CA PHE B 326 -7.99 29.87 19.49
C PHE B 326 -8.87 28.68 19.83
N LYS B 327 -9.11 28.52 21.12
CA LYS B 327 -9.78 27.30 21.62
C LYS B 327 -11.21 27.29 21.06
N ASP B 328 -11.84 28.46 20.96
CA ASP B 328 -13.25 28.57 20.51
C ASP B 328 -13.31 28.11 19.06
N LEU B 329 -12.35 28.55 18.25
CA LEU B 329 -12.31 28.23 16.80
C LEU B 329 -12.00 26.75 16.65
N ILE B 330 -11.09 26.24 17.46
CA ILE B 330 -10.71 24.80 17.42
C ILE B 330 -11.95 23.96 17.74
N LEU B 331 -12.77 24.38 18.71
CA LEU B 331 -13.98 23.65 19.14
C LEU B 331 -15.08 23.80 18.09
N ARG B 332 -14.98 24.80 17.22
CA ARG B 332 -15.95 24.99 16.12
C ARG B 332 -15.53 24.06 14.98
N MET B 333 -14.24 23.76 14.90
CA MET B 333 -13.67 22.86 13.87
C MET B 333 -13.85 21.41 14.30
N LEU B 334 -14.03 21.14 15.60
CA LEU B 334 -14.16 19.76 16.16
C LEU B 334 -15.61 19.47 16.53
N ASP B 335 -16.59 20.09 15.88
CA ASP B 335 -18.02 19.80 16.11
C ASP B 335 -18.26 18.39 15.59
N TYR B 336 -18.88 17.55 16.40
CA TYR B 336 -19.31 16.18 16.01
C TYR B 336 -20.24 16.26 14.79
N ASP B 337 -21.07 17.30 14.73
CA ASP B 337 -22.08 17.47 13.67
C ASP B 337 -21.41 18.07 12.43
N PRO B 338 -21.31 17.33 11.30
CA PRO B 338 -20.66 17.83 10.09
C PRO B 338 -21.39 19.01 9.44
N LYS B 339 -22.70 19.09 9.70
CA LYS B 339 -23.66 20.09 9.15
C LYS B 339 -23.46 21.42 9.86
N THR B 340 -23.38 21.41 11.20
CA THR B 340 -23.21 22.62 12.04
C THR B 340 -21.73 22.94 12.25
N ARG B 341 -20.82 22.02 11.92
CA ARG B 341 -19.37 22.28 12.06
C ARG B 341 -19.02 23.49 11.19
N ILE B 342 -18.04 24.28 11.62
CA ILE B 342 -17.65 25.56 10.94
C ILE B 342 -17.02 25.30 9.56
N GLN B 343 -17.31 26.19 8.61
CA GLN B 343 -16.80 26.10 7.22
C GLN B 343 -15.75 27.19 6.95
N PRO B 344 -14.88 26.96 5.96
CA PRO B 344 -13.68 27.78 5.80
C PRO B 344 -13.99 29.28 5.80
N TYR B 345 -15.08 29.68 5.15
CA TYR B 345 -15.45 31.11 4.98
C TYR B 345 -15.69 31.75 6.35
N TYR B 346 -16.48 31.07 7.20
CA TYR B 346 -16.86 31.55 8.56
C TYR B 346 -15.64 31.49 9.48
N ALA B 347 -14.79 30.47 9.33
CA ALA B 347 -13.56 30.26 10.13
C ALA B 347 -12.61 31.44 9.94
N LEU B 348 -12.52 31.95 8.71
CA LEU B 348 -11.68 33.13 8.35
C LEU B 348 -12.25 34.40 9.00
N GLN B 349 -13.56 34.36 9.30
CA GLN B 349 -14.32 35.49 9.89
C GLN B 349 -14.13 35.47 11.42
N HIS B 350 -13.57 34.40 11.98
CA HIS B 350 -13.41 34.22 13.44
C HIS B 350 -12.48 35.29 14.01
N SER B 351 -12.71 35.69 15.26
CA SER B 351 -11.93 36.78 15.93
C SER B 351 -10.48 36.36 16.17
N PHE B 352 -10.16 35.07 16.05
CA PHE B 352 -8.79 34.55 16.24
C PHE B 352 -7.87 35.13 15.16
N PHE B 353 -8.49 35.62 14.07
CA PHE B 353 -7.80 36.12 12.88
C PHE B 353 -7.78 37.66 12.80
N LYS B 354 -8.62 38.37 13.57
CA LYS B 354 -8.89 39.84 13.50
C LYS B 354 -7.63 40.66 13.80
N LYS B 355 -7.60 41.90 13.30
CA LYS B 355 -6.50 42.90 13.46
C LYS B 355 -6.82 43.84 14.62
C1 RJZ C . 15.01 -14.71 5.62
N1 RJZ C . 13.06 -16.04 6.30
O1 RJZ C . 12.32 -13.56 2.34
C2 RJZ C . 13.56 -14.97 5.74
N2 RJZ C . 10.18 -14.26 5.27
C3 RJZ C . 11.68 -15.89 6.19
N3 RJZ C . 12.57 -14.11 5.24
C4 RJZ C . 10.63 -16.70 6.62
N4 RJZ C . 11.22 -11.57 2.56
C5 RJZ C . 9.36 -16.26 6.34
N5 RJZ C . 4.28 -15.39 5.35
C6 RJZ C . 9.16 -15.03 5.69
N6 RJZ C . 5.32 -13.50 4.52
C7 RJZ C . 11.39 -14.71 5.55
N7 RJZ C . 6.32 -11.60 3.70
C8 RJZ C . 12.71 -12.82 4.57
C9 RJZ C . 13.31 -12.98 3.19
C10 RJZ C . 11.19 -12.83 2.15
C11 RJZ C . 10.06 -13.38 1.56
C12 RJZ C . 8.95 -12.59 1.39
C13 RJZ C . 8.97 -11.29 1.82
C14 RJZ C . 10.14 -10.83 2.40
C15 RJZ C . 7.83 -14.50 5.32
C16 RJZ C . 6.66 -15.23 5.53
C17 RJZ C . 5.42 -14.71 5.13
C18 RJZ C . 6.44 -12.78 4.30
C19 RJZ C . 7.71 -13.26 4.70
BR1 RJZ C . 10.26 -9.05 3.06
C1 RJZ D . 11.07 18.90 -0.59
N1 RJZ D . 9.12 19.57 -1.96
O1 RJZ D . 8.38 16.71 1.63
C2 RJZ D . 9.76 18.67 -1.24
N2 RJZ D . 6.90 16.81 -2.03
C3 RJZ D . 7.95 18.95 -2.38
N3 RJZ D . 9.02 17.49 -1.13
C4 RJZ D . 6.91 19.38 -3.17
N4 RJZ D . 7.58 14.62 0.95
C5 RJZ D . 5.87 18.52 -3.38
N5 RJZ D . 1.46 16.10 -4.44
C6 RJZ D . 5.89 17.22 -2.84
N6 RJZ D . 2.47 14.64 -3.01
C7 RJZ D . 7.89 17.67 -1.86
N7 RJZ D . 3.47 13.14 -1.58
C8 RJZ D . 9.35 16.24 -0.45
C9 RJZ D . 9.62 16.40 1.01
C10 RJZ D . 7.35 15.84 1.44
C11 RJZ D . 6.08 16.27 1.79
C12 RJZ D . 5.05 15.41 1.63
C13 RJZ D . 5.25 14.14 1.11
C14 RJZ D . 6.54 13.83 0.78
C15 RJZ D . 4.75 16.29 -2.96
C16 RJZ D . 3.63 16.64 -3.70
C17 RJZ D . 2.52 15.79 -3.71
C18 RJZ D . 3.53 14.31 -2.26
C19 RJZ D . 4.68 15.13 -2.19
BR1 RJZ D . 6.94 12.12 0.07
#